data_1V5D
#
_entry.id   1V5D
#
_cell.length_a   70.804
_cell.length_b   98.144
_cell.length_c   115.780
_cell.angle_alpha   90.00
_cell.angle_beta   90.00
_cell.angle_gamma   90.00
#
_symmetry.space_group_name_H-M   'P 21 21 21'
#
loop_
_entity.id
_entity.type
_entity.pdbx_description
1 polymer chitosanase
2 non-polymer "PIPERAZINE-N,N'-BIS(2-ETHANESULFONIC ACID)"
3 water water
#
_entity_poly.entity_id   1
_entity_poly.type   'polypeptide(L)'
_entity_poly.pdbx_seq_one_letter_code
;AKEMKPFPQQVNYAGVIKPNHVTQESLNASVRSYYDNWKKKYLKNDLSSLPGGYYVKGEITGDADGFKPLGTSEGQGYGM
IITVLMAGYDSNAQKIYDGLFKTARTFKSSQNPNLMGWVVADSKKAQGHFDSATDGDLDIAYSLLLAHKQWGSNGTVNYL
KEAQDMITKGIKASNVTNNNQLNLGDWDSKSSLDTRPSDWMMSHLRAFYEFTGDKTWLTVINNLYDVYTQFSNKYSPNTG
LISDFVVKNPPQPAPKDFLDESEYTNAYYYNASRVPLRIVMDYAMYGEKRSKVISDKVSSWIQNKTNGNPSKIVDGYQLN
GSNIGSYPTAVFVSPFIAASITSSNNQKWVNSGWDWMKNKRERYFSDSYNLLTMLFITGNWWKPVP
;
_entity_poly.pdbx_strand_id   A,B
#
# COMPACT_ATOMS: atom_id res chain seq x y z
N ALA A 1 -4.61 -27.60 31.80
CA ALA A 1 -5.59 -27.27 32.87
C ALA A 1 -4.91 -26.64 34.08
N LYS A 2 -5.69 -25.91 34.87
CA LYS A 2 -5.20 -25.25 36.06
C LYS A 2 -4.08 -24.23 35.79
N GLU A 3 -4.11 -23.63 34.61
CA GLU A 3 -3.11 -22.63 34.26
C GLU A 3 -3.23 -21.43 35.20
N MET A 4 -2.10 -20.92 35.67
CA MET A 4 -2.10 -19.75 36.53
C MET A 4 -1.81 -18.50 35.71
N LYS A 5 -1.37 -18.72 34.47
CA LYS A 5 -1.08 -17.63 33.53
C LYS A 5 -1.70 -18.01 32.19
N PRO A 6 -3.01 -18.30 32.17
CA PRO A 6 -3.68 -18.68 30.92
C PRO A 6 -3.66 -17.63 29.82
N PHE A 7 -3.51 -18.10 28.58
CA PHE A 7 -3.52 -17.21 27.43
C PHE A 7 -4.97 -16.72 27.35
N PRO A 8 -5.17 -15.42 27.09
CA PRO A 8 -4.17 -14.38 26.85
C PRO A 8 -3.92 -13.54 28.12
N GLN A 9 -2.65 -13.33 28.47
CA GLN A 9 -2.34 -12.53 29.64
C GLN A 9 -2.37 -11.04 29.26
N GLN A 10 -2.20 -10.78 27.96
CA GLN A 10 -2.24 -9.42 27.41
C GLN A 10 -1.79 -8.32 28.37
N VAL A 11 -0.55 -8.44 28.84
CA VAL A 11 0.00 -7.46 29.77
C VAL A 11 0.46 -6.17 29.10
N ASN A 12 0.54 -5.11 29.91
CA ASN A 12 1.00 -3.81 29.43
C ASN A 12 2.30 -3.45 30.13
N TYR A 13 3.42 -3.71 29.47
CA TYR A 13 4.71 -3.40 30.05
C TYR A 13 4.93 -1.90 30.06
N ALA A 14 5.56 -1.40 31.13
CA ALA A 14 5.83 0.02 31.25
C ALA A 14 6.72 0.53 30.13
N GLY A 15 6.35 1.67 29.57
CA GLY A 15 7.13 2.29 28.52
C GLY A 15 7.07 1.67 27.13
N VAL A 16 6.13 0.76 26.91
CA VAL A 16 6.02 0.12 25.60
C VAL A 16 4.63 0.26 25.00
N ILE A 17 4.58 0.34 23.67
CA ILE A 17 3.32 0.45 22.96
C ILE A 17 3.01 -0.85 22.22
N LYS A 18 1.72 -1.06 21.95
CA LYS A 18 1.24 -2.23 21.21
C LYS A 18 0.55 -1.67 19.97
N PRO A 19 0.28 -2.53 18.98
CA PRO A 19 -0.40 -2.00 17.79
C PRO A 19 -1.72 -1.47 18.35
N ASN A 20 -2.10 -0.23 18.00
CA ASN A 20 -3.32 0.35 18.57
C ASN A 20 -4.44 0.68 17.59
N HIS A 21 -4.37 0.14 16.37
CA HIS A 21 -5.39 0.40 15.38
C HIS A 21 -6.42 -0.74 15.37
N VAL A 22 -6.20 -1.73 16.24
CA VAL A 22 -7.10 -2.86 16.39
C VAL A 22 -7.25 -3.14 17.87
N THR A 23 -8.29 -3.90 18.24
CA THR A 23 -8.54 -4.22 19.64
C THR A 23 -7.57 -5.29 20.14
N GLN A 24 -7.48 -5.44 21.45
CA GLN A 24 -6.61 -6.45 22.03
C GLN A 24 -7.18 -7.81 21.64
N GLU A 25 -8.50 -7.89 21.52
CA GLU A 25 -9.16 -9.13 21.12
C GLU A 25 -8.67 -9.53 19.73
N SER A 26 -8.52 -8.53 18.86
CA SER A 26 -8.05 -8.79 17.49
C SER A 26 -6.60 -9.29 17.56
N LEU A 27 -5.79 -8.68 18.41
CA LEU A 27 -4.40 -9.10 18.55
C LEU A 27 -4.36 -10.54 19.02
N ASN A 28 -5.16 -10.86 20.04
CA ASN A 28 -5.20 -12.21 20.59
C ASN A 28 -5.67 -13.23 19.55
N ALA A 29 -6.68 -12.86 18.77
CA ALA A 29 -7.23 -13.73 17.75
C ALA A 29 -6.17 -14.04 16.69
N SER A 30 -5.41 -13.04 16.30
CA SER A 30 -4.36 -13.24 15.31
C SER A 30 -3.33 -14.23 15.83
N VAL A 31 -2.98 -14.12 17.11
CA VAL A 31 -2.01 -15.01 17.71
C VAL A 31 -2.56 -16.44 17.77
N ARG A 32 -3.82 -16.59 18.18
CA ARG A 32 -4.43 -17.92 18.26
C ARG A 32 -4.42 -18.59 16.89
N SER A 33 -4.82 -17.86 15.87
CA SER A 33 -4.87 -18.38 14.51
C SER A 33 -3.48 -18.75 14.01
N TYR A 34 -2.51 -17.89 14.27
CA TYR A 34 -1.15 -18.14 13.82
C TYR A 34 -0.59 -19.38 14.51
N TYR A 35 -0.89 -19.51 15.81
CA TYR A 35 -0.43 -20.67 16.57
C TYR A 35 -1.01 -21.96 16.01
N ASP A 36 -2.31 -21.97 15.74
CA ASP A 36 -2.93 -23.17 15.20
C ASP A 36 -2.28 -23.61 13.90
N ASN A 37 -1.96 -22.66 13.03
CA ASN A 37 -1.32 -22.98 11.76
C ASN A 37 0.12 -23.46 11.99
N TRP A 38 0.83 -22.79 12.90
CA TRP A 38 2.20 -23.16 13.22
C TRP A 38 2.27 -24.59 13.76
N LYS A 39 1.35 -24.91 14.67
CA LYS A 39 1.31 -26.24 15.28
C LYS A 39 1.00 -27.31 14.23
N LYS A 40 0.03 -27.01 13.38
CA LYS A 40 -0.39 -27.94 12.33
C LYS A 40 0.76 -28.29 11.38
N LYS A 41 1.58 -27.31 11.06
CA LYS A 41 2.66 -27.53 10.12
C LYS A 41 4.01 -27.93 10.71
N TYR A 42 4.32 -27.44 11.92
CA TYR A 42 5.63 -27.72 12.51
C TYR A 42 5.72 -28.58 13.76
N LEU A 43 4.65 -28.67 14.54
CA LEU A 43 4.73 -29.49 15.75
C LEU A 43 4.59 -30.97 15.39
N LYS A 44 5.60 -31.76 15.73
CA LYS A 44 5.62 -33.18 15.41
C LYS A 44 5.73 -34.09 16.63
N ASN A 45 5.25 -35.32 16.49
CA ASN A 45 5.30 -36.29 17.56
C ASN A 45 5.33 -37.70 16.98
N ASP A 46 6.05 -37.83 15.85
CA ASP A 46 6.15 -39.10 15.14
C ASP A 46 7.51 -39.80 15.21
N LEU A 47 8.18 -39.70 16.35
CA LEU A 47 9.48 -40.36 16.50
C LEU A 47 9.28 -41.81 16.91
N SER A 48 9.61 -42.73 16.02
CA SER A 48 9.47 -44.16 16.33
C SER A 48 10.41 -44.52 17.48
N SER A 49 11.52 -43.81 17.56
CA SER A 49 12.52 -44.06 18.59
C SER A 49 12.17 -43.42 19.93
N LEU A 50 11.09 -42.64 19.97
CA LEU A 50 10.67 -41.99 21.21
C LEU A 50 9.18 -41.67 21.22
N PRO A 51 8.33 -42.68 21.39
CA PRO A 51 6.88 -42.49 21.42
C PRO A 51 6.50 -41.48 22.50
N GLY A 52 5.61 -40.55 22.16
CA GLY A 52 5.19 -39.55 23.13
C GLY A 52 6.05 -38.31 23.12
N GLY A 53 7.20 -38.39 22.46
CA GLY A 53 8.09 -37.25 22.39
C GLY A 53 7.67 -36.30 21.29
N TYR A 54 7.91 -35.01 21.49
CA TYR A 54 7.57 -34.00 20.50
C TYR A 54 8.82 -33.23 20.07
N TYR A 55 8.75 -32.63 18.89
CA TYR A 55 9.84 -31.82 18.37
C TYR A 55 9.26 -30.86 17.36
N VAL A 56 10.08 -29.95 16.85
CA VAL A 56 9.62 -28.96 15.87
C VAL A 56 10.32 -29.23 14.54
N LYS A 57 9.54 -29.39 13.48
CA LYS A 57 10.08 -29.69 12.16
C LYS A 57 10.84 -28.54 11.52
N GLY A 58 12.15 -28.74 11.34
CA GLY A 58 12.97 -27.72 10.73
C GLY A 58 13.06 -27.85 9.22
N GLU A 59 13.90 -27.03 8.61
CA GLU A 59 14.09 -27.08 7.16
C GLU A 59 14.79 -28.35 6.72
N ILE A 60 14.58 -28.72 5.47
CA ILE A 60 15.24 -29.90 4.91
C ILE A 60 16.73 -29.58 4.89
N THR A 61 17.54 -30.49 5.41
CA THR A 61 18.97 -30.25 5.44
C THR A 61 19.76 -31.53 5.20
N GLY A 62 21.07 -31.39 5.07
CA GLY A 62 21.92 -32.54 4.82
C GLY A 62 22.09 -33.40 6.06
N ASP A 63 22.52 -34.64 5.85
CA ASP A 63 22.72 -35.57 6.95
C ASP A 63 23.76 -35.05 7.94
N ALA A 64 23.67 -35.52 9.18
CA ALA A 64 24.60 -35.14 10.23
C ALA A 64 25.07 -36.42 10.90
N ASP A 65 26.33 -36.79 10.66
CA ASP A 65 26.89 -38.02 11.23
C ASP A 65 26.06 -39.24 10.85
N GLY A 66 25.57 -39.26 9.61
CA GLY A 66 24.78 -40.38 9.14
C GLY A 66 23.31 -40.34 9.51
N PHE A 67 22.92 -39.33 10.28
CA PHE A 67 21.53 -39.18 10.70
C PHE A 67 20.82 -38.13 9.86
N LYS A 68 19.50 -38.25 9.76
CA LYS A 68 18.69 -37.30 9.02
C LYS A 68 18.06 -36.35 10.04
N PRO A 69 18.54 -35.10 10.10
CA PRO A 69 17.98 -34.12 11.05
C PRO A 69 16.53 -33.77 10.76
N LEU A 70 15.67 -33.93 11.76
CA LEU A 70 14.26 -33.61 11.62
C LEU A 70 13.97 -32.27 12.31
N GLY A 71 14.74 -31.98 13.35
CA GLY A 71 14.58 -30.75 14.10
C GLY A 71 15.86 -30.46 14.86
N THR A 72 15.91 -29.32 15.52
CA THR A 72 17.11 -28.94 16.28
C THR A 72 16.71 -28.43 17.65
N SER A 73 17.71 -28.27 18.53
CA SER A 73 17.43 -27.76 19.87
C SER A 73 16.92 -26.32 19.78
N GLU A 74 17.34 -25.60 18.74
CA GLU A 74 16.88 -24.23 18.52
C GLU A 74 15.36 -24.25 18.38
N GLY A 75 14.87 -25.12 17.51
CA GLY A 75 13.44 -25.23 17.30
C GLY A 75 12.72 -25.78 18.52
N GLN A 76 13.38 -26.69 19.22
CA GLN A 76 12.81 -27.28 20.43
C GLN A 76 12.54 -26.17 21.44
N GLY A 77 13.50 -25.24 21.55
CA GLY A 77 13.36 -24.13 22.47
C GLY A 77 12.22 -23.21 22.09
N TYR A 78 12.10 -22.88 20.80
CA TYR A 78 11.03 -22.02 20.34
C TYR A 78 9.68 -22.68 20.65
N GLY A 79 9.59 -23.96 20.29
CA GLY A 79 8.35 -24.70 20.52
C GLY A 79 7.94 -24.79 21.97
N MET A 80 8.91 -24.96 22.87
CA MET A 80 8.60 -25.08 24.28
C MET A 80 8.10 -23.77 24.89
N ILE A 81 8.66 -22.64 24.46
CA ILE A 81 8.20 -21.35 24.96
C ILE A 81 6.79 -21.09 24.42
N ILE A 82 6.62 -21.28 23.11
CA ILE A 82 5.32 -21.08 22.48
C ILE A 82 4.23 -21.92 23.16
N THR A 83 4.54 -23.19 23.41
CA THR A 83 3.56 -24.09 24.02
C THR A 83 3.11 -23.65 25.42
N VAL A 84 4.03 -23.25 26.28
CA VAL A 84 3.63 -22.82 27.61
C VAL A 84 2.78 -21.56 27.54
N LEU A 85 3.15 -20.63 26.67
CA LEU A 85 2.41 -19.38 26.54
C LEU A 85 1.01 -19.57 25.99
N MET A 86 0.81 -20.60 25.17
CA MET A 86 -0.50 -20.85 24.60
C MET A 86 -1.37 -21.71 25.51
N ALA A 87 -0.85 -22.11 26.66
CA ALA A 87 -1.62 -22.90 27.60
C ALA A 87 -2.78 -22.00 28.03
N GLY A 88 -3.96 -22.59 28.18
CA GLY A 88 -5.12 -21.80 28.54
C GLY A 88 -5.98 -21.72 27.29
N TYR A 89 -5.33 -21.78 26.13
CA TYR A 89 -6.03 -21.77 24.86
C TYR A 89 -6.01 -23.20 24.32
N ASP A 90 -4.80 -23.77 24.25
CA ASP A 90 -4.62 -25.14 23.78
C ASP A 90 -4.78 -26.04 25.00
N SER A 91 -5.86 -26.80 25.06
CA SER A 91 -6.11 -27.68 26.18
C SER A 91 -5.09 -28.79 26.37
N ASN A 92 -4.30 -29.07 25.33
CA ASN A 92 -3.29 -30.12 25.42
C ASN A 92 -1.88 -29.57 25.61
N ALA A 93 -1.80 -28.28 25.94
CA ALA A 93 -0.52 -27.61 26.13
C ALA A 93 0.47 -28.32 27.06
N GLN A 94 0.03 -28.71 28.25
CA GLN A 94 0.95 -29.35 29.18
C GLN A 94 1.42 -30.72 28.68
N LYS A 95 0.54 -31.47 28.03
CA LYS A 95 0.93 -32.78 27.49
C LYS A 95 2.00 -32.57 26.42
N ILE A 96 1.76 -31.61 25.53
CA ILE A 96 2.70 -31.29 24.47
C ILE A 96 4.02 -30.83 25.09
N TYR A 97 3.93 -29.93 26.06
CA TYR A 97 5.13 -29.43 26.71
C TYR A 97 5.96 -30.54 27.33
N ASP A 98 5.31 -31.42 28.09
CA ASP A 98 6.05 -32.51 28.73
C ASP A 98 6.66 -33.43 27.67
N GLY A 99 6.00 -33.53 26.52
CA GLY A 99 6.52 -34.35 25.44
C GLY A 99 7.74 -33.70 24.80
N LEU A 100 7.73 -32.37 24.74
CA LEU A 100 8.86 -31.64 24.18
C LEU A 100 10.03 -31.77 25.15
N PHE A 101 9.73 -31.74 26.44
CA PHE A 101 10.77 -31.88 27.47
C PHE A 101 11.37 -33.29 27.42
N LYS A 102 10.51 -34.28 27.19
CA LYS A 102 10.96 -35.67 27.11
C LYS A 102 12.02 -35.78 26.00
N THR A 103 11.73 -35.18 24.85
CA THR A 103 12.67 -35.21 23.74
C THR A 103 13.96 -34.48 24.11
N ALA A 104 13.82 -33.31 24.73
CA ALA A 104 14.97 -32.52 25.12
C ALA A 104 15.96 -33.27 26.02
N ARG A 105 15.42 -34.03 26.96
CA ARG A 105 16.27 -34.78 27.89
C ARG A 105 16.73 -36.12 27.35
N THR A 106 15.94 -36.74 26.48
CA THR A 106 16.31 -38.02 25.89
C THR A 106 17.44 -37.78 24.90
N PHE A 107 17.33 -36.71 24.13
CA PHE A 107 18.35 -36.34 23.16
C PHE A 107 19.34 -35.41 23.86
N LYS A 108 19.81 -35.83 25.03
CA LYS A 108 20.75 -35.04 25.81
C LYS A 108 22.08 -34.90 25.08
N SER A 109 22.85 -33.88 25.44
CA SER A 109 24.14 -33.65 24.80
C SER A 109 25.16 -34.72 25.15
N SER A 110 26.01 -35.04 24.18
CA SER A 110 27.07 -36.03 24.36
C SER A 110 28.19 -35.43 25.20
N GLN A 111 28.17 -34.11 25.36
CA GLN A 111 29.18 -33.43 26.16
C GLN A 111 28.65 -33.22 27.58
N ASN A 112 27.85 -32.17 27.78
CA ASN A 112 27.25 -31.91 29.09
C ASN A 112 25.85 -32.52 29.06
N PRO A 113 25.64 -33.63 29.79
CA PRO A 113 24.34 -34.32 29.83
C PRO A 113 23.15 -33.51 30.34
N ASN A 114 23.42 -32.34 30.93
CA ASN A 114 22.37 -31.49 31.45
C ASN A 114 21.79 -30.60 30.35
N LEU A 115 22.41 -30.67 29.17
CA LEU A 115 21.97 -29.89 28.01
C LEU A 115 21.42 -30.81 26.93
N MET A 116 20.88 -30.22 25.88
CA MET A 116 20.33 -31.00 24.77
C MET A 116 21.25 -31.02 23.56
N GLY A 117 21.37 -32.19 22.94
CA GLY A 117 22.18 -32.31 21.73
C GLY A 117 21.43 -31.49 20.69
N TRP A 118 22.15 -30.82 19.81
CA TRP A 118 21.49 -29.94 18.84
C TRP A 118 20.63 -30.57 17.74
N VAL A 119 20.78 -31.86 17.49
CA VAL A 119 20.00 -32.50 16.43
C VAL A 119 18.98 -33.55 16.90
N VAL A 120 17.77 -33.44 16.40
CA VAL A 120 16.73 -34.41 16.70
C VAL A 120 16.63 -35.26 15.43
N ALA A 121 16.90 -36.55 15.57
CA ALA A 121 16.84 -37.49 14.46
C ALA A 121 16.10 -38.72 14.99
N ASP A 122 15.33 -39.39 14.15
CA ASP A 122 14.57 -40.55 14.61
C ASP A 122 15.38 -41.83 14.67
N SER A 123 16.23 -41.94 15.68
CA SER A 123 17.06 -43.10 15.89
C SER A 123 17.53 -43.14 17.34
N LYS A 124 17.53 -44.32 17.94
CA LYS A 124 17.97 -44.47 19.32
C LYS A 124 19.46 -44.07 19.40
N LYS A 125 20.19 -44.35 18.32
CA LYS A 125 21.61 -44.06 18.25
C LYS A 125 21.92 -42.56 18.26
N ALA A 126 20.94 -41.75 17.88
CA ALA A 126 21.12 -40.30 17.85
C ALA A 126 20.89 -39.69 19.23
N GLN A 127 20.20 -40.44 20.09
CA GLN A 127 19.89 -39.98 21.44
C GLN A 127 21.11 -39.97 22.34
N GLY A 128 21.72 -38.80 22.48
CA GLY A 128 22.92 -38.66 23.30
C GLY A 128 24.17 -38.64 22.44
N HIS A 129 23.98 -38.49 21.13
CA HIS A 129 25.08 -38.48 20.19
C HIS A 129 25.66 -37.10 19.87
N PHE A 130 24.80 -36.08 19.84
CA PHE A 130 25.23 -34.72 19.49
C PHE A 130 25.55 -33.78 20.64
N ASP A 131 26.43 -32.81 20.38
CA ASP A 131 26.77 -31.81 21.38
C ASP A 131 25.75 -30.67 21.33
N SER A 132 25.87 -29.70 22.22
CA SER A 132 24.89 -28.63 22.31
C SER A 132 25.13 -27.34 21.54
N ALA A 133 24.07 -26.52 21.50
CA ALA A 133 24.06 -25.21 20.88
C ALA A 133 23.46 -24.31 21.96
N THR A 134 24.18 -23.27 22.35
CA THR A 134 23.75 -22.38 23.41
C THR A 134 22.34 -21.80 23.35
N ASP A 135 21.91 -21.31 22.19
CA ASP A 135 20.57 -20.74 22.13
C ASP A 135 19.44 -21.72 22.39
N GLY A 136 19.56 -22.94 21.88
CA GLY A 136 18.52 -23.91 22.12
C GLY A 136 18.33 -24.15 23.61
N ASP A 137 19.44 -24.36 24.32
CA ASP A 137 19.37 -24.60 25.75
C ASP A 137 18.85 -23.39 26.53
N LEU A 138 19.20 -22.19 26.09
CA LEU A 138 18.73 -20.99 26.77
C LEU A 138 17.20 -20.92 26.70
N ASP A 139 16.64 -21.14 25.52
CA ASP A 139 15.18 -21.10 25.38
C ASP A 139 14.52 -22.26 26.13
N ILE A 140 15.13 -23.44 26.08
CA ILE A 140 14.56 -24.60 26.77
C ILE A 140 14.56 -24.37 28.28
N ALA A 141 15.69 -23.94 28.82
CA ALA A 141 15.79 -23.69 30.26
C ALA A 141 14.79 -22.63 30.68
N TYR A 142 14.67 -21.57 29.89
CA TYR A 142 13.74 -20.50 30.20
C TYR A 142 12.30 -20.99 30.16
N SER A 143 11.99 -21.86 29.20
CA SER A 143 10.63 -22.38 29.07
C SER A 143 10.22 -23.13 30.34
N LEU A 144 11.19 -23.75 31.01
CA LEU A 144 10.91 -24.49 32.23
C LEU A 144 10.50 -23.54 33.35
N LEU A 145 11.04 -22.33 33.34
CA LEU A 145 10.67 -21.34 34.36
C LEU A 145 9.23 -20.91 34.06
N LEU A 146 8.90 -20.78 32.78
CA LEU A 146 7.54 -20.40 32.40
C LEU A 146 6.60 -21.53 32.82
N ALA A 147 7.00 -22.77 32.56
CA ALA A 147 6.19 -23.93 32.92
C ALA A 147 5.92 -23.95 34.43
N HIS A 148 6.94 -23.62 35.21
CA HIS A 148 6.81 -23.59 36.66
C HIS A 148 5.76 -22.58 37.11
N LYS A 149 5.77 -21.40 36.50
CA LYS A 149 4.81 -20.36 36.86
C LYS A 149 3.43 -20.61 36.25
N GLN A 150 3.39 -21.43 35.21
CA GLN A 150 2.13 -21.75 34.53
C GLN A 150 1.36 -22.87 35.23
N TRP A 151 2.05 -23.97 35.52
CA TRP A 151 1.41 -25.13 36.14
C TRP A 151 1.92 -25.53 37.52
N GLY A 152 3.01 -24.92 37.96
CA GLY A 152 3.57 -25.32 39.25
C GLY A 152 4.47 -26.50 39.00
N SER A 153 5.31 -26.86 39.96
CA SER A 153 6.24 -27.97 39.79
C SER A 153 5.97 -29.16 40.71
N ASN A 154 4.72 -29.33 41.12
CA ASN A 154 4.37 -30.42 42.01
C ASN A 154 3.90 -31.67 41.28
N GLY A 155 3.72 -31.57 39.97
CA GLY A 155 3.25 -32.70 39.20
C GLY A 155 4.32 -33.67 38.74
N THR A 156 4.04 -34.33 37.61
CA THR A 156 4.95 -35.31 37.02
C THR A 156 6.36 -34.76 36.82
N VAL A 157 6.45 -33.54 36.31
CA VAL A 157 7.74 -32.90 36.05
C VAL A 157 7.97 -31.72 36.99
N ASN A 158 9.08 -31.77 37.73
CA ASN A 158 9.43 -30.70 38.64
C ASN A 158 10.12 -29.63 37.80
N TYR A 159 9.32 -28.82 37.12
CA TYR A 159 9.82 -27.78 36.23
C TYR A 159 10.90 -26.89 36.82
N LEU A 160 10.65 -26.35 38.02
CA LEU A 160 11.63 -25.47 38.65
C LEU A 160 12.96 -26.16 38.89
N LYS A 161 12.93 -27.36 39.43
CA LYS A 161 14.16 -28.10 39.69
C LYS A 161 14.90 -28.39 38.38
N GLU A 162 14.15 -28.79 37.36
CA GLU A 162 14.74 -29.10 36.06
C GLU A 162 15.38 -27.83 35.50
N ALA A 163 14.72 -26.69 35.70
CA ALA A 163 15.24 -25.41 35.20
C ALA A 163 16.54 -25.04 35.90
N GLN A 164 16.54 -25.11 37.23
CA GLN A 164 17.72 -24.77 37.99
C GLN A 164 18.90 -25.67 37.63
N ASP A 165 18.64 -26.96 37.44
CA ASP A 165 19.71 -27.87 37.08
C ASP A 165 20.27 -27.55 35.70
N MET A 166 19.39 -27.30 34.73
CA MET A 166 19.82 -26.98 33.38
C MET A 166 20.59 -25.66 33.34
N ILE A 167 20.08 -24.67 34.06
CA ILE A 167 20.71 -23.35 34.13
C ILE A 167 22.08 -23.38 34.78
N THR A 168 22.16 -24.00 35.94
CA THR A 168 23.42 -24.07 36.69
C THR A 168 24.39 -25.17 36.29
N LYS A 169 23.91 -26.40 36.24
CA LYS A 169 24.76 -27.53 35.87
C LYS A 169 25.02 -27.60 34.37
N GLY A 170 24.15 -26.97 33.59
CA GLY A 170 24.31 -27.02 32.15
C GLY A 170 24.89 -25.77 31.50
N ILE A 171 24.07 -24.73 31.41
CA ILE A 171 24.47 -23.48 30.76
C ILE A 171 25.61 -22.73 31.45
N LYS A 172 25.53 -22.56 32.76
CA LYS A 172 26.59 -21.85 33.45
C LYS A 172 27.90 -22.62 33.36
N ALA A 173 27.84 -23.92 33.62
CA ALA A 173 29.05 -24.75 33.59
C ALA A 173 29.73 -24.82 32.23
N SER A 174 28.94 -25.02 31.18
CA SER A 174 29.50 -25.16 29.83
C SER A 174 29.51 -23.95 28.90
N ASN A 175 28.55 -23.04 29.05
CA ASN A 175 28.48 -21.91 28.14
C ASN A 175 28.87 -20.53 28.64
N VAL A 176 28.86 -20.32 29.96
CA VAL A 176 29.28 -19.03 30.49
C VAL A 176 30.81 -19.09 30.53
N THR A 177 31.46 -18.20 29.78
CA THR A 177 32.91 -18.19 29.71
C THR A 177 33.57 -17.46 30.87
N ASN A 178 34.88 -17.62 30.99
CA ASN A 178 35.62 -16.97 32.06
C ASN A 178 35.62 -15.45 31.89
N ASN A 179 35.34 -15.01 30.65
CA ASN A 179 35.28 -13.58 30.36
C ASN A 179 33.84 -13.07 30.46
N ASN A 180 32.98 -13.90 31.06
CA ASN A 180 31.57 -13.57 31.25
C ASN A 180 30.77 -13.27 29.99
N GLN A 181 31.00 -14.09 28.98
CA GLN A 181 30.27 -14.00 27.71
C GLN A 181 29.61 -15.37 27.58
N LEU A 182 29.01 -15.63 26.44
CA LEU A 182 28.37 -16.93 26.19
C LEU A 182 29.03 -17.53 24.97
N ASN A 183 29.55 -18.75 25.09
CA ASN A 183 30.18 -19.38 23.94
C ASN A 183 29.12 -19.99 23.04
N LEU A 184 29.55 -20.70 22.01
CA LEU A 184 28.60 -21.27 21.04
C LEU A 184 27.92 -22.59 21.38
N GLY A 185 28.50 -23.34 22.32
CA GLY A 185 27.92 -24.62 22.70
C GLY A 185 28.83 -25.29 23.71
N ASP A 186 28.41 -26.43 24.25
CA ASP A 186 29.23 -27.10 25.25
C ASP A 186 30.49 -27.76 24.68
N TRP A 187 30.64 -27.71 23.36
CA TRP A 187 31.82 -28.25 22.69
C TRP A 187 32.89 -27.17 22.61
N ASP A 188 32.48 -25.92 22.84
CA ASP A 188 33.37 -24.77 22.78
C ASP A 188 34.13 -24.58 24.10
N SER A 189 35.24 -23.85 24.02
CA SER A 189 36.09 -23.59 25.18
C SER A 189 35.45 -22.71 26.26
N LYS A 190 35.85 -22.96 27.50
CA LYS A 190 35.36 -22.22 28.64
C LYS A 190 35.93 -20.79 28.59
N SER A 191 36.98 -20.61 27.81
CA SER A 191 37.61 -19.30 27.67
C SER A 191 37.42 -18.75 26.25
N SER A 192 36.51 -19.36 25.50
CA SER A 192 36.24 -18.93 24.14
C SER A 192 35.78 -17.48 24.04
N LEU A 193 36.25 -16.79 23.01
CA LEU A 193 35.85 -15.42 22.76
C LEU A 193 34.95 -15.38 21.53
N ASP A 194 34.50 -16.57 21.09
CA ASP A 194 33.60 -16.66 19.96
C ASP A 194 32.19 -16.63 20.55
N THR A 195 31.34 -15.75 20.03
CA THR A 195 29.99 -15.63 20.55
C THR A 195 28.99 -15.28 19.44
N ARG A 196 27.73 -15.64 19.68
CA ARG A 196 26.64 -15.41 18.73
C ARG A 196 25.66 -14.47 19.44
N PRO A 197 25.63 -13.18 19.04
CA PRO A 197 24.75 -12.18 19.65
C PRO A 197 23.28 -12.57 19.83
N SER A 198 22.75 -13.40 18.95
CA SER A 198 21.36 -13.80 19.08
C SER A 198 21.17 -14.70 20.32
N ASP A 199 22.28 -15.11 20.93
CA ASP A 199 22.26 -15.92 22.14
C ASP A 199 22.18 -15.00 23.36
N TRP A 200 22.40 -13.70 23.15
CA TRP A 200 22.37 -12.74 24.26
C TRP A 200 20.93 -12.43 24.67
N MET A 201 20.27 -13.44 25.21
CA MET A 201 18.88 -13.31 25.62
C MET A 201 18.80 -12.67 26.99
N MET A 202 19.01 -11.35 27.02
CA MET A 202 19.03 -10.58 28.25
C MET A 202 17.90 -10.86 29.22
N SER A 203 16.66 -10.82 28.75
CA SER A 203 15.52 -11.05 29.64
C SER A 203 15.48 -12.46 30.21
N HIS A 204 16.04 -13.44 29.48
CA HIS A 204 16.09 -14.82 29.97
C HIS A 204 17.06 -14.85 31.15
N LEU A 205 18.22 -14.23 30.96
CA LEU A 205 19.24 -14.18 31.99
C LEU A 205 18.74 -13.50 33.25
N ARG A 206 17.88 -12.50 33.10
CA ARG A 206 17.31 -11.80 34.26
C ARG A 206 16.55 -12.82 35.09
N ALA A 207 15.74 -13.64 34.41
CA ALA A 207 14.94 -14.66 35.08
C ALA A 207 15.84 -15.72 35.73
N PHE A 208 16.92 -16.08 35.04
CA PHE A 208 17.85 -17.06 35.58
C PHE A 208 18.35 -16.55 36.92
N TYR A 209 18.65 -15.27 36.99
CA TYR A 209 19.13 -14.69 38.24
C TYR A 209 18.07 -14.78 39.34
N GLU A 210 16.87 -14.31 39.03
CA GLU A 210 15.79 -14.31 40.03
C GLU A 210 15.42 -15.69 40.55
N PHE A 211 15.50 -16.72 39.69
CA PHE A 211 15.15 -18.07 40.10
C PHE A 211 16.30 -18.92 40.63
N THR A 212 17.52 -18.39 40.62
CA THR A 212 18.67 -19.13 41.13
C THR A 212 19.39 -18.35 42.21
N GLY A 213 19.32 -17.02 42.13
CA GLY A 213 19.99 -16.18 43.10
C GLY A 213 21.46 -16.04 42.77
N ASP A 214 21.87 -16.64 41.65
CA ASP A 214 23.25 -16.62 41.20
C ASP A 214 23.58 -15.32 40.47
N LYS A 215 24.39 -14.48 41.11
CA LYS A 215 24.77 -13.18 40.53
C LYS A 215 25.52 -13.31 39.21
N THR A 216 26.01 -14.51 38.90
CA THR A 216 26.73 -14.75 37.67
C THR A 216 25.94 -14.22 36.46
N TRP A 217 24.63 -14.45 36.48
CA TRP A 217 23.79 -14.03 35.39
C TRP A 217 23.72 -12.52 35.21
N LEU A 218 23.81 -11.78 36.32
CA LEU A 218 23.79 -10.32 36.23
C LEU A 218 25.13 -9.86 35.68
N THR A 219 26.20 -10.53 36.08
CA THR A 219 27.54 -10.18 35.61
C THR A 219 27.60 -10.37 34.10
N VAL A 220 27.00 -11.47 33.62
CA VAL A 220 26.99 -11.74 32.19
C VAL A 220 26.18 -10.69 31.44
N ILE A 221 24.98 -10.39 31.94
CA ILE A 221 24.13 -9.38 31.32
C ILE A 221 24.89 -8.05 31.17
N ASN A 222 25.44 -7.56 32.28
CA ASN A 222 26.17 -6.31 32.24
C ASN A 222 27.34 -6.32 31.27
N ASN A 223 28.07 -7.44 31.22
CA ASN A 223 29.20 -7.52 30.32
C ASN A 223 28.76 -7.57 28.86
N LEU A 224 27.70 -8.31 28.57
CA LEU A 224 27.22 -8.39 27.20
C LEU A 224 26.75 -7.02 26.69
N TYR A 225 26.18 -6.21 27.56
CA TYR A 225 25.77 -4.86 27.15
C TYR A 225 27.01 -4.04 26.82
N ASP A 226 28.06 -4.21 27.63
CA ASP A 226 29.30 -3.47 27.38
C ASP A 226 29.87 -3.91 26.03
N VAL A 227 29.84 -5.21 25.77
CA VAL A 227 30.36 -5.75 24.51
C VAL A 227 29.55 -5.22 23.31
N TYR A 228 28.23 -5.19 23.45
CA TYR A 228 27.39 -4.70 22.36
C TYR A 228 27.76 -3.27 22.02
N THR A 229 27.83 -2.41 23.03
CA THR A 229 28.15 -1.02 22.83
C THR A 229 29.55 -0.79 22.25
N GLN A 230 30.54 -1.51 22.78
CA GLN A 230 31.89 -1.35 22.27
C GLN A 230 31.95 -1.79 20.80
N PHE A 231 31.23 -2.85 20.48
CA PHE A 231 31.17 -3.35 19.11
C PHE A 231 30.52 -2.34 18.19
N SER A 232 29.30 -1.93 18.54
CA SER A 232 28.53 -1.02 17.72
C SER A 232 29.15 0.36 17.53
N ASN A 233 29.70 0.94 18.58
CA ASN A 233 30.29 2.26 18.45
C ASN A 233 31.42 2.25 17.43
N LYS A 234 32.06 1.10 17.26
CA LYS A 234 33.16 1.01 16.30
C LYS A 234 32.75 0.46 14.93
N TYR A 235 31.94 -0.60 14.91
CA TYR A 235 31.56 -1.21 13.65
C TYR A 235 30.18 -0.92 13.08
N SER A 236 29.29 -0.34 13.88
CA SER A 236 27.95 -0.01 13.39
C SER A 236 27.47 1.29 14.03
N PRO A 237 28.30 2.33 13.96
CA PRO A 237 27.95 3.63 14.54
C PRO A 237 26.69 4.29 14.01
N ASN A 238 26.30 3.93 12.79
CA ASN A 238 25.11 4.54 12.17
C ASN A 238 23.86 3.67 12.19
N THR A 239 24.02 2.35 12.27
CA THR A 239 22.88 1.45 12.25
C THR A 239 22.55 0.80 13.60
N GLY A 240 23.57 0.63 14.43
CA GLY A 240 23.37 0.01 15.73
C GLY A 240 23.25 -1.50 15.64
N LEU A 241 23.54 -2.06 14.47
CA LEU A 241 23.44 -3.50 14.26
C LEU A 241 24.65 -4.27 14.77
N ILE A 242 24.54 -5.59 14.81
CA ILE A 242 25.63 -6.44 15.25
C ILE A 242 25.69 -7.63 14.29
N SER A 243 26.86 -8.24 14.17
CA SER A 243 27.05 -9.36 13.25
C SER A 243 26.57 -10.71 13.78
N ASP A 244 26.33 -11.65 12.86
CA ASP A 244 25.85 -12.99 13.21
C ASP A 244 26.73 -13.61 14.29
N PHE A 245 28.05 -13.42 14.14
CA PHE A 245 29.00 -13.93 15.10
C PHE A 245 29.98 -12.82 15.42
N VAL A 246 30.47 -12.82 16.66
CA VAL A 246 31.41 -11.81 17.12
C VAL A 246 32.61 -12.54 17.71
N VAL A 247 33.81 -11.98 17.50
CA VAL A 247 35.01 -12.61 18.00
C VAL A 247 35.94 -11.62 18.70
N LYS A 248 36.82 -12.16 19.54
CA LYS A 248 37.84 -11.39 20.27
C LYS A 248 37.37 -10.38 21.31
N ASN A 249 38.37 -9.78 21.96
CA ASN A 249 38.16 -8.75 22.98
C ASN A 249 39.30 -7.74 22.84
N PRO A 250 38.98 -6.50 22.46
CA PRO A 250 37.65 -5.97 22.14
C PRO A 250 36.93 -6.75 21.05
N PRO A 251 35.59 -6.71 21.05
CA PRO A 251 34.79 -7.43 20.04
C PRO A 251 34.93 -6.88 18.63
N GLN A 252 34.94 -7.80 17.67
CA GLN A 252 35.04 -7.45 16.26
C GLN A 252 34.11 -8.38 15.49
N PRO A 253 33.72 -7.98 14.27
CA PRO A 253 32.83 -8.84 13.50
C PRO A 253 33.61 -10.12 13.17
N ALA A 254 32.92 -11.26 13.18
CA ALA A 254 33.56 -12.51 12.84
C ALA A 254 33.97 -12.43 11.38
N PRO A 255 34.93 -13.26 10.96
CA PRO A 255 35.33 -13.21 9.55
C PRO A 255 34.23 -13.84 8.71
N LYS A 256 34.31 -13.68 7.39
CA LYS A 256 33.33 -14.29 6.51
C LYS A 256 33.59 -15.79 6.58
N ASP A 257 32.57 -16.59 6.34
CA ASP A 257 32.71 -18.04 6.37
C ASP A 257 33.14 -18.57 7.73
N PHE A 258 32.73 -17.88 8.78
CA PHE A 258 33.07 -18.30 10.14
C PHE A 258 32.46 -19.67 10.43
N LEU A 259 33.31 -20.63 10.77
CA LEU A 259 32.86 -22.00 11.03
C LEU A 259 32.05 -22.47 9.85
N ASP A 260 32.28 -21.82 8.71
CA ASP A 260 31.59 -22.09 7.46
C ASP A 260 30.06 -22.12 7.59
N GLU A 261 29.54 -21.27 8.47
CA GLU A 261 28.10 -21.16 8.69
C GLU A 261 27.46 -20.48 7.49
N SER A 262 28.12 -19.44 6.98
CA SER A 262 27.65 -18.71 5.82
C SER A 262 28.72 -17.69 5.43
N GLU A 263 28.58 -17.10 4.25
CA GLU A 263 29.54 -16.13 3.77
C GLU A 263 29.28 -14.74 4.38
N TYR A 264 28.21 -14.63 5.14
CA TYR A 264 27.79 -13.36 5.73
C TYR A 264 27.87 -13.33 7.25
N THR A 265 28.72 -14.18 7.83
CA THR A 265 28.87 -14.25 9.27
C THR A 265 29.44 -12.96 9.87
N ASN A 266 29.98 -12.10 9.01
CA ASN A 266 30.57 -10.83 9.44
C ASN A 266 29.55 -9.70 9.43
N ALA A 267 28.34 -10.01 8.98
CA ALA A 267 27.29 -8.99 8.86
C ALA A 267 25.99 -9.32 9.59
N TYR A 268 24.99 -8.46 9.42
CA TYR A 268 23.70 -8.66 10.07
C TYR A 268 22.90 -9.59 9.16
N TYR A 269 23.03 -10.89 9.42
CA TYR A 269 22.36 -11.88 8.60
C TYR A 269 21.29 -12.67 9.36
N TYR A 270 21.00 -13.90 8.91
CA TYR A 270 19.96 -14.69 9.53
C TYR A 270 20.11 -15.01 11.02
N ASN A 271 21.33 -15.13 11.52
CA ASN A 271 21.49 -15.39 12.94
C ASN A 271 21.15 -14.12 13.74
N ALA A 272 21.80 -13.01 13.37
CA ALA A 272 21.61 -11.74 14.08
C ALA A 272 20.22 -11.11 13.93
N SER A 273 19.47 -11.53 12.92
CA SER A 273 18.13 -11.00 12.67
C SER A 273 17.25 -11.08 13.91
N ARG A 274 17.57 -12.05 14.77
CA ARG A 274 16.82 -12.30 15.98
C ARG A 274 17.16 -11.38 17.16
N VAL A 275 18.35 -10.79 17.11
CA VAL A 275 18.82 -9.93 18.19
C VAL A 275 17.90 -8.81 18.67
N PRO A 276 17.31 -8.02 17.76
CA PRO A 276 16.44 -6.93 18.22
C PRO A 276 15.36 -7.34 19.22
N LEU A 277 14.76 -8.52 19.03
CA LEU A 277 13.74 -8.98 19.95
C LEU A 277 14.35 -9.36 21.29
N ARG A 278 15.44 -10.13 21.25
CA ARG A 278 16.10 -10.56 22.48
C ARG A 278 16.51 -9.38 23.35
N ILE A 279 16.99 -8.30 22.72
CA ILE A 279 17.41 -7.12 23.46
C ILE A 279 16.25 -6.29 24.00
N VAL A 280 15.31 -5.94 23.14
CA VAL A 280 14.19 -5.09 23.56
C VAL A 280 13.34 -5.65 24.69
N MET A 281 13.26 -6.98 24.78
CA MET A 281 12.47 -7.60 25.83
C MET A 281 13.01 -7.26 27.22
N ASP A 282 14.30 -6.93 27.31
CA ASP A 282 14.88 -6.59 28.59
C ASP A 282 14.34 -5.24 29.08
N TYR A 283 14.17 -4.29 28.17
CA TYR A 283 13.64 -3.00 28.58
C TYR A 283 12.17 -3.16 28.99
N ALA A 284 11.41 -3.85 28.16
CA ALA A 284 9.99 -4.05 28.43
C ALA A 284 9.72 -4.79 29.73
N MET A 285 10.42 -5.89 29.95
CA MET A 285 10.21 -6.71 31.13
C MET A 285 10.94 -6.30 32.40
N TYR A 286 12.12 -5.69 32.26
CA TYR A 286 12.91 -5.33 33.43
C TYR A 286 13.33 -3.85 33.51
N GLY A 287 12.89 -3.07 32.53
CA GLY A 287 13.20 -1.64 32.52
C GLY A 287 14.65 -1.25 32.26
N GLU A 288 15.43 -2.15 31.68
CA GLU A 288 16.84 -1.86 31.40
C GLU A 288 16.99 -0.74 30.36
N LYS A 289 17.51 0.39 30.80
CA LYS A 289 17.70 1.55 29.93
C LYS A 289 18.62 1.29 28.74
N ARG A 290 19.66 0.48 28.95
CA ARG A 290 20.60 0.17 27.88
C ARG A 290 19.91 -0.54 26.72
N SER A 291 18.85 -1.27 27.02
CA SER A 291 18.09 -1.99 26.00
C SER A 291 17.32 -1.01 25.14
N LYS A 292 16.72 0.00 25.76
CA LYS A 292 15.98 1.00 25.00
C LYS A 292 16.90 1.78 24.06
N VAL A 293 18.10 2.12 24.53
CA VAL A 293 19.05 2.85 23.71
C VAL A 293 19.42 2.04 22.46
N ILE A 294 19.78 0.78 22.66
CA ILE A 294 20.14 -0.09 21.56
C ILE A 294 18.97 -0.31 20.61
N SER A 295 17.78 -0.51 21.17
CA SER A 295 16.57 -0.73 20.38
C SER A 295 16.16 0.49 19.56
N ASP A 296 16.21 1.67 20.16
CA ASP A 296 15.83 2.88 19.44
C ASP A 296 16.79 3.19 18.29
N LYS A 297 18.07 2.91 18.47
CA LYS A 297 19.04 3.17 17.41
C LYS A 297 18.74 2.32 16.19
N VAL A 298 18.54 1.02 16.41
CA VAL A 298 18.23 0.12 15.31
C VAL A 298 16.89 0.47 14.68
N SER A 299 15.89 0.74 15.52
CA SER A 299 14.55 1.09 15.04
C SER A 299 14.56 2.33 14.16
N SER A 300 15.24 3.37 14.63
CA SER A 300 15.30 4.61 13.87
C SER A 300 16.00 4.40 12.53
N TRP A 301 17.07 3.61 12.53
CA TRP A 301 17.79 3.34 11.30
C TRP A 301 16.95 2.60 10.26
N ILE A 302 16.33 1.49 10.66
CA ILE A 302 15.54 0.72 9.72
C ILE A 302 14.32 1.49 9.20
N GLN A 303 13.77 2.36 10.02
CA GLN A 303 12.62 3.16 9.59
C GLN A 303 13.03 4.12 8.47
N ASN A 304 14.18 4.77 8.63
CA ASN A 304 14.65 5.71 7.62
C ASN A 304 15.06 4.91 6.37
N LYS A 305 15.72 3.78 6.59
CA LYS A 305 16.17 2.92 5.50
C LYS A 305 15.04 2.47 4.56
N THR A 306 13.88 2.18 5.16
CA THR A 306 12.73 1.70 4.41
C THR A 306 11.66 2.77 4.19
N ASN A 307 11.93 3.98 4.67
CA ASN A 307 10.99 5.08 4.55
C ASN A 307 9.64 4.71 5.18
N GLY A 308 9.69 4.04 6.33
CA GLY A 308 8.49 3.65 7.04
C GLY A 308 7.66 2.52 6.46
N ASN A 309 8.22 1.78 5.51
CA ASN A 309 7.51 0.67 4.86
C ASN A 309 8.14 -0.68 5.24
N PRO A 310 7.51 -1.43 6.14
CA PRO A 310 8.03 -2.73 6.58
C PRO A 310 8.31 -3.71 5.44
N SER A 311 7.50 -3.67 4.38
CA SER A 311 7.68 -4.58 3.25
C SER A 311 8.97 -4.31 2.48
N LYS A 312 9.63 -3.19 2.78
CA LYS A 312 10.87 -2.84 2.11
C LYS A 312 12.09 -3.36 2.85
N ILE A 313 11.88 -4.02 3.97
CA ILE A 313 12.97 -4.60 4.75
C ILE A 313 13.46 -5.80 3.94
N VAL A 314 14.77 -6.02 3.92
CA VAL A 314 15.32 -7.16 3.18
C VAL A 314 16.03 -8.12 4.13
N ASP A 315 16.30 -9.33 3.65
CA ASP A 315 16.93 -10.35 4.47
C ASP A 315 18.45 -10.33 4.55
N GLY A 316 18.97 -9.31 5.24
CA GLY A 316 20.40 -9.18 5.42
C GLY A 316 20.97 -7.81 5.10
N TYR A 317 21.84 -7.32 5.97
CA TYR A 317 22.48 -6.02 5.78
C TYR A 317 23.93 -6.03 6.23
N GLN A 318 24.74 -5.21 5.58
CA GLN A 318 26.11 -5.06 6.00
C GLN A 318 25.97 -4.18 7.25
N LEU A 319 26.99 -4.14 8.08
CA LEU A 319 26.90 -3.33 9.30
C LEU A 319 26.74 -1.83 9.01
N ASN A 320 27.14 -1.39 7.82
CA ASN A 320 27.00 0.03 7.48
C ASN A 320 25.62 0.34 6.90
N GLY A 321 24.75 -0.67 6.84
CA GLY A 321 23.41 -0.45 6.32
C GLY A 321 23.16 -0.84 4.88
N SER A 322 24.21 -1.11 4.11
CA SER A 322 24.01 -1.52 2.73
C SER A 322 23.36 -2.91 2.71
N ASN A 323 22.62 -3.20 1.65
CA ASN A 323 21.88 -4.45 1.52
C ASN A 323 22.64 -5.71 1.13
N ILE A 324 22.22 -6.83 1.73
CA ILE A 324 22.74 -8.15 1.40
C ILE A 324 21.53 -8.91 0.85
N GLY A 325 20.39 -8.78 1.54
CA GLY A 325 19.18 -9.45 1.13
C GLY A 325 18.32 -8.76 0.08
N SER A 326 17.25 -9.42 -0.34
CA SER A 326 16.36 -8.91 -1.38
C SER A 326 14.87 -8.90 -1.08
N TYR A 327 14.44 -9.61 -0.04
CA TYR A 327 13.01 -9.65 0.24
C TYR A 327 12.68 -9.65 1.73
N PRO A 328 11.41 -9.36 2.07
CA PRO A 328 10.98 -9.33 3.47
C PRO A 328 10.55 -10.68 4.02
N THR A 329 11.23 -11.12 5.07
CA THR A 329 10.90 -12.39 5.72
C THR A 329 10.74 -12.05 7.21
N ALA A 330 9.79 -12.71 7.86
CA ALA A 330 9.49 -12.39 9.26
C ALA A 330 10.61 -12.44 10.31
N VAL A 331 11.60 -13.32 10.14
CA VAL A 331 12.65 -13.36 11.15
C VAL A 331 13.44 -12.04 11.15
N PHE A 332 13.37 -11.30 10.04
CA PHE A 332 14.03 -9.99 9.97
C PHE A 332 13.03 -8.88 10.30
N VAL A 333 11.89 -8.89 9.62
CA VAL A 333 10.88 -7.86 9.81
C VAL A 333 10.32 -7.74 11.22
N SER A 334 9.83 -8.84 11.76
CA SER A 334 9.21 -8.79 13.07
C SER A 334 10.09 -8.27 14.21
N PRO A 335 11.37 -8.71 14.29
CA PRO A 335 12.19 -8.19 15.39
C PRO A 335 12.43 -6.68 15.24
N PHE A 336 12.49 -6.20 14.00
CA PHE A 336 12.67 -4.76 13.76
C PHE A 336 11.46 -4.02 14.30
N ILE A 337 10.28 -4.61 14.16
CA ILE A 337 9.07 -3.98 14.67
C ILE A 337 9.09 -4.01 16.19
N ALA A 338 9.48 -5.15 16.77
CA ALA A 338 9.55 -5.29 18.22
C ALA A 338 10.51 -4.28 18.83
N ALA A 339 11.63 -4.04 18.15
CA ALA A 339 12.63 -3.10 18.64
C ALA A 339 12.11 -1.66 18.67
N SER A 340 11.00 -1.43 17.99
CA SER A 340 10.41 -0.10 17.89
C SER A 340 9.34 0.24 18.93
N ILE A 341 8.99 -0.71 19.78
CA ILE A 341 7.93 -0.49 20.77
C ILE A 341 8.23 0.35 22.00
N THR A 342 9.47 0.80 22.18
CA THR A 342 9.80 1.59 23.38
C THR A 342 9.60 3.09 23.21
N SER A 343 9.22 3.53 22.01
CA SER A 343 8.98 4.95 21.75
C SER A 343 7.60 5.10 21.12
N SER A 344 6.72 5.84 21.79
CA SER A 344 5.36 6.03 21.30
C SER A 344 5.29 6.73 19.94
N ASN A 345 6.35 7.43 19.57
CA ASN A 345 6.36 8.11 18.28
C ASN A 345 6.49 7.11 17.13
N ASN A 346 6.63 5.82 17.46
CA ASN A 346 6.74 4.79 16.44
C ASN A 346 5.42 4.05 16.24
N GLN A 347 4.32 4.59 16.77
CA GLN A 347 3.03 3.93 16.65
C GLN A 347 2.62 3.53 15.24
N LYS A 348 2.72 4.45 14.28
CA LYS A 348 2.34 4.14 12.91
C LYS A 348 3.16 2.99 12.33
N TRP A 349 4.46 3.02 12.60
CA TRP A 349 5.37 1.98 12.12
C TRP A 349 5.03 0.63 12.76
N VAL A 350 4.73 0.65 14.06
CA VAL A 350 4.37 -0.57 14.76
C VAL A 350 3.07 -1.14 14.20
N ASN A 351 2.09 -0.28 13.92
CA ASN A 351 0.82 -0.73 13.36
C ASN A 351 1.03 -1.35 11.98
N SER A 352 1.86 -0.71 11.16
CA SER A 352 2.14 -1.21 9.81
C SER A 352 2.88 -2.55 9.92
N GLY A 353 3.78 -2.64 10.88
CA GLY A 353 4.54 -3.87 11.08
C GLY A 353 3.62 -5.00 11.47
N TRP A 354 2.66 -4.70 12.35
CA TRP A 354 1.70 -5.71 12.79
C TRP A 354 0.91 -6.22 11.60
N ASP A 355 0.44 -5.30 10.76
CA ASP A 355 -0.34 -5.69 9.59
C ASP A 355 0.47 -6.62 8.68
N TRP A 356 1.76 -6.36 8.56
CA TRP A 356 2.63 -7.17 7.72
C TRP A 356 2.87 -8.57 8.27
N MET A 357 3.12 -8.68 9.57
CA MET A 357 3.44 -9.96 10.20
C MET A 357 2.28 -10.85 10.66
N LYS A 358 1.17 -10.25 11.05
CA LYS A 358 0.03 -11.00 11.60
C LYS A 358 -0.38 -12.30 10.92
N ASN A 359 -0.36 -12.33 9.59
CA ASN A 359 -0.74 -13.53 8.85
C ASN A 359 0.36 -14.01 7.92
N LYS A 360 1.60 -13.59 8.18
CA LYS A 360 2.73 -13.95 7.32
C LYS A 360 3.24 -15.37 7.58
N ARG A 361 2.98 -16.28 6.65
CA ARG A 361 3.41 -17.67 6.75
C ARG A 361 4.39 -17.98 5.64
N GLU A 362 5.52 -18.60 5.99
CA GLU A 362 6.54 -18.92 5.00
C GLU A 362 7.25 -20.25 5.25
N ARG A 363 7.94 -20.35 6.38
CA ARG A 363 8.67 -21.58 6.72
C ARG A 363 8.97 -21.67 8.21
N TYR A 364 9.59 -22.77 8.62
CA TYR A 364 9.92 -23.00 10.02
C TYR A 364 10.59 -21.86 10.76
N PHE A 365 11.70 -21.38 10.24
CA PHE A 365 12.47 -20.34 10.91
C PHE A 365 11.73 -19.02 11.09
N SER A 366 11.25 -18.44 9.99
CA SER A 366 10.53 -17.17 10.11
C SER A 366 9.20 -17.31 10.85
N ASP A 367 8.45 -18.38 10.58
CA ASP A 367 7.16 -18.57 11.25
C ASP A 367 7.33 -18.72 12.76
N SER A 368 8.30 -19.53 13.18
CA SER A 368 8.53 -19.74 14.61
C SER A 368 8.95 -18.47 15.32
N TYR A 369 9.91 -17.75 14.76
CA TYR A 369 10.34 -16.52 15.42
C TYR A 369 9.27 -15.45 15.31
N ASN A 370 8.47 -15.51 14.25
CA ASN A 370 7.40 -14.53 14.07
C ASN A 370 6.36 -14.73 15.18
N LEU A 371 6.02 -15.98 15.46
CA LEU A 371 5.04 -16.27 16.50
C LEU A 371 5.56 -15.80 17.86
N LEU A 372 6.84 -16.01 18.12
CA LEU A 372 7.41 -15.55 19.40
C LEU A 372 7.33 -14.04 19.48
N THR A 373 7.65 -13.36 18.37
CA THR A 373 7.62 -11.91 18.35
C THR A 373 6.19 -11.42 18.55
N MET A 374 5.24 -12.06 17.88
CA MET A 374 3.82 -11.69 17.98
C MET A 374 3.34 -11.87 19.42
N LEU A 375 3.75 -12.96 20.06
CA LEU A 375 3.34 -13.20 21.44
C LEU A 375 3.87 -12.08 22.33
N PHE A 376 5.10 -11.64 22.07
CA PHE A 376 5.67 -10.59 22.88
C PHE A 376 5.04 -9.21 22.64
N ILE A 377 4.93 -8.79 21.38
CA ILE A 377 4.38 -7.46 21.14
C ILE A 377 2.89 -7.30 21.41
N THR A 378 2.18 -8.40 21.63
CA THR A 378 0.75 -8.32 21.94
C THR A 378 0.56 -8.41 23.45
N GLY A 379 1.67 -8.53 24.18
CA GLY A 379 1.62 -8.61 25.63
C GLY A 379 1.29 -9.99 26.16
N ASN A 380 1.31 -10.98 25.29
CA ASN A 380 0.97 -12.34 25.72
C ASN A 380 2.15 -13.18 26.18
N TRP A 381 3.34 -12.60 26.16
CA TRP A 381 4.52 -13.28 26.68
C TRP A 381 4.72 -12.57 28.01
N TRP A 382 4.14 -13.17 29.07
CA TRP A 382 4.22 -12.62 30.41
C TRP A 382 5.57 -12.87 31.07
N LYS A 383 5.79 -12.20 32.19
CA LYS A 383 7.04 -12.29 32.93
C LYS A 383 7.02 -13.28 34.09
N PRO A 384 7.93 -14.27 34.06
CA PRO A 384 7.98 -15.25 35.15
C PRO A 384 8.78 -14.70 36.32
N VAL A 385 8.16 -14.66 37.50
CA VAL A 385 8.83 -14.15 38.69
C VAL A 385 8.68 -15.16 39.82
N PRO A 386 9.70 -15.26 40.70
CA PRO A 386 9.68 -16.19 41.83
C PRO A 386 8.40 -16.15 42.64
N ALA B 1 -35.06 8.93 -8.66
CA ALA B 1 -36.08 9.52 -7.76
C ALA B 1 -35.44 10.38 -6.69
N LYS B 2 -36.23 11.28 -6.09
CA LYS B 2 -35.74 12.16 -5.05
C LYS B 2 -34.64 13.10 -5.51
N GLU B 3 -34.62 13.38 -6.82
CA GLU B 3 -33.62 14.28 -7.38
C GLU B 3 -33.72 15.67 -6.77
N MET B 4 -32.58 16.24 -6.40
CA MET B 4 -32.56 17.59 -5.82
C MET B 4 -32.20 18.61 -6.91
N LYS B 5 -31.72 18.09 -8.04
CA LYS B 5 -31.35 18.91 -9.18
C LYS B 5 -31.94 18.25 -10.43
N PRO B 6 -33.26 18.05 -10.45
CA PRO B 6 -33.92 17.41 -11.60
C PRO B 6 -33.81 18.18 -12.91
N PHE B 7 -33.59 17.43 -13.99
CA PHE B 7 -33.53 18.04 -15.31
C PHE B 7 -34.94 18.55 -15.59
N PRO B 8 -35.07 19.77 -16.13
CA PRO B 8 -34.01 20.71 -16.53
C PRO B 8 -33.78 21.79 -15.47
N GLN B 9 -32.51 22.10 -15.21
CA GLN B 9 -32.20 23.15 -14.23
C GLN B 9 -32.17 24.51 -14.94
N GLN B 10 -32.01 24.47 -16.26
CA GLN B 10 -31.99 25.67 -17.10
C GLN B 10 -31.45 26.92 -16.39
N VAL B 11 -30.19 26.85 -16.00
CA VAL B 11 -29.52 27.93 -15.29
C VAL B 11 -29.21 29.14 -16.16
N ASN B 12 -29.13 30.31 -15.53
CA ASN B 12 -28.81 31.55 -16.22
C ASN B 12 -27.48 32.08 -15.65
N TYR B 13 -26.37 31.56 -16.15
CA TYR B 13 -25.05 31.99 -15.69
C TYR B 13 -24.78 33.44 -16.06
N ALA B 14 -24.13 34.17 -15.16
CA ALA B 14 -23.82 35.58 -15.39
C ALA B 14 -22.88 35.77 -16.58
N GLY B 15 -23.20 36.76 -17.41
CA GLY B 15 -22.38 37.08 -18.57
C GLY B 15 -22.38 36.04 -19.67
N VAL B 16 -23.37 35.16 -19.66
CA VAL B 16 -23.48 34.10 -20.66
C VAL B 16 -24.80 34.13 -21.42
N ILE B 17 -24.73 33.88 -22.72
CA ILE B 17 -25.93 33.84 -23.54
C ILE B 17 -26.21 32.41 -23.99
N LYS B 18 -27.48 32.13 -24.27
CA LYS B 18 -27.91 30.83 -24.76
C LYS B 18 -28.52 31.10 -26.13
N PRO B 19 -28.74 30.05 -26.93
CA PRO B 19 -29.34 30.30 -28.25
C PRO B 19 -30.68 30.96 -27.92
N ASN B 20 -31.01 32.06 -28.58
CA ASN B 20 -32.26 32.76 -28.25
C ASN B 20 -33.31 32.87 -29.35
N HIS B 21 -33.15 32.11 -30.42
CA HIS B 21 -34.13 32.15 -31.51
C HIS B 21 -35.22 31.11 -31.29
N VAL B 22 -35.06 30.33 -30.22
CA VAL B 22 -36.03 29.30 -29.84
C VAL B 22 -36.25 29.44 -28.33
N THR B 23 -37.31 28.85 -27.82
CA THR B 23 -37.62 28.94 -26.39
C THR B 23 -36.76 27.99 -25.57
N GLN B 24 -36.73 28.22 -24.25
CA GLN B 24 -35.96 27.37 -23.37
C GLN B 24 -36.56 25.97 -23.44
N GLU B 25 -37.88 25.90 -23.58
CA GLU B 25 -38.55 24.61 -23.70
C GLU B 25 -38.02 23.86 -24.92
N SER B 26 -37.79 24.60 -26.00
CA SER B 26 -37.27 24.00 -27.22
C SER B 26 -35.87 23.47 -26.97
N LEU B 27 -35.06 24.24 -26.24
CA LEU B 27 -33.70 23.83 -25.92
C LEU B 27 -33.73 22.54 -25.11
N ASN B 28 -34.57 22.51 -24.08
CA ASN B 28 -34.68 21.34 -23.23
C ASN B 28 -35.16 20.11 -24.02
N ALA B 29 -36.12 20.32 -24.91
CA ALA B 29 -36.65 19.23 -25.73
C ALA B 29 -35.58 18.63 -26.63
N SER B 30 -34.74 19.50 -27.19
CA SER B 30 -33.65 19.03 -28.06
C SER B 30 -32.68 18.17 -27.27
N VAL B 31 -32.40 18.58 -26.03
CA VAL B 31 -31.49 17.82 -25.19
C VAL B 31 -32.08 16.46 -24.83
N ARG B 32 -33.36 16.43 -24.48
CA ARG B 32 -34.01 15.16 -24.13
C ARG B 32 -33.96 14.20 -25.30
N SER B 33 -34.29 14.70 -26.50
CA SER B 33 -34.27 13.86 -27.69
C SER B 33 -32.87 13.36 -28.00
N TYR B 34 -31.88 14.25 -27.90
CA TYR B 34 -30.51 13.85 -28.20
C TYR B 34 -30.04 12.80 -27.20
N TYR B 35 -30.39 12.99 -25.93
CA TYR B 35 -30.02 12.03 -24.90
C TYR B 35 -30.65 10.66 -25.18
N ASP B 36 -31.93 10.64 -25.54
CA ASP B 36 -32.60 9.39 -25.82
C ASP B 36 -31.88 8.59 -26.91
N ASN B 37 -31.46 9.28 -27.97
CA ASN B 37 -30.76 8.63 -29.06
C ASN B 37 -29.35 8.18 -28.66
N TRP B 38 -28.66 9.04 -27.91
CA TRP B 38 -27.31 8.73 -27.44
C TRP B 38 -27.33 7.50 -26.55
N LYS B 39 -28.29 7.46 -25.63
CA LYS B 39 -28.41 6.35 -24.71
C LYS B 39 -28.70 5.03 -25.43
N LYS B 40 -29.62 5.08 -26.38
CA LYS B 40 -30.01 3.89 -27.13
C LYS B 40 -28.83 3.30 -27.90
N LYS B 41 -27.98 4.15 -28.45
CA LYS B 41 -26.86 3.70 -29.24
C LYS B 41 -25.56 3.42 -28.50
N TYR B 42 -25.27 4.22 -27.47
CA TYR B 42 -24.00 4.08 -26.76
C TYR B 42 -23.97 3.55 -25.34
N LEU B 43 -25.08 3.65 -24.59
CA LEU B 43 -25.07 3.15 -23.22
C LEU B 43 -25.26 1.64 -23.21
N LYS B 44 -24.26 0.94 -22.67
CA LYS B 44 -24.28 -0.53 -22.62
C LYS B 44 -24.21 -1.09 -21.21
N ASN B 45 -24.72 -2.31 -21.04
CA ASN B 45 -24.71 -3.00 -19.76
C ASN B 45 -24.70 -4.50 -20.02
N ASP B 46 -23.96 -4.90 -21.06
CA ASP B 46 -23.87 -6.30 -21.46
C ASP B 46 -22.53 -6.98 -21.22
N LEU B 47 -21.86 -6.64 -20.12
CA LEU B 47 -20.59 -7.26 -19.79
C LEU B 47 -20.84 -8.58 -19.07
N SER B 48 -20.52 -9.69 -19.71
CA SER B 48 -20.71 -11.01 -19.09
C SER B 48 -19.84 -11.13 -17.85
N SER B 49 -18.70 -10.45 -17.87
CA SER B 49 -17.76 -10.48 -16.76
C SER B 49 -18.15 -9.54 -15.61
N LEU B 50 -19.23 -8.78 -15.81
CA LEU B 50 -19.68 -7.86 -14.77
C LEU B 50 -21.16 -7.51 -14.86
N PRO B 51 -22.05 -8.46 -14.53
CA PRO B 51 -23.48 -8.20 -14.59
C PRO B 51 -23.83 -6.97 -13.73
N GLY B 52 -24.68 -6.09 -14.27
CA GLY B 52 -25.06 -4.91 -13.54
C GLY B 52 -24.20 -3.69 -13.85
N GLY B 53 -23.03 -3.92 -14.43
CA GLY B 53 -22.15 -2.83 -14.77
C GLY B 53 -22.50 -2.19 -16.09
N TYR B 54 -22.22 -0.90 -16.22
CA TYR B 54 -22.49 -0.16 -17.45
C TYR B 54 -21.21 0.46 -18.00
N TYR B 55 -21.22 0.75 -19.29
CA TYR B 55 -20.08 1.39 -19.94
C TYR B 55 -20.62 2.10 -21.18
N VAL B 56 -19.77 2.87 -21.85
CA VAL B 56 -20.17 3.60 -23.05
C VAL B 56 -19.44 3.00 -24.24
N LYS B 57 -20.20 2.60 -25.26
CA LYS B 57 -19.61 1.97 -26.44
C LYS B 57 -18.75 2.92 -27.26
N GLY B 58 -17.45 2.62 -27.32
CA GLY B 58 -16.54 3.47 -28.08
C GLY B 58 -16.44 3.03 -29.53
N GLU B 59 -15.59 3.73 -30.28
CA GLU B 59 -15.40 3.42 -31.69
C GLU B 59 -14.62 2.14 -31.88
N ILE B 60 -14.76 1.54 -33.05
CA ILE B 60 -14.04 0.30 -33.37
C ILE B 60 -12.55 0.61 -33.28
N THR B 61 -11.80 -0.28 -32.65
CA THR B 61 -10.35 -0.07 -32.51
C THR B 61 -9.59 -1.38 -32.35
N GLY B 62 -8.28 -1.30 -32.48
CA GLY B 62 -7.44 -2.48 -32.34
C GLY B 62 -7.39 -2.97 -30.91
N ASP B 63 -6.87 -4.18 -30.73
CA ASP B 63 -6.77 -4.78 -29.40
C ASP B 63 -5.78 -4.05 -28.50
N ALA B 64 -6.04 -4.11 -27.19
CA ALA B 64 -5.18 -3.48 -26.20
C ALA B 64 -4.69 -4.58 -25.28
N ASP B 65 -3.40 -4.90 -25.37
CA ASP B 65 -2.83 -5.96 -24.55
C ASP B 65 -3.56 -7.27 -24.76
N GLY B 66 -4.01 -7.50 -26.00
CA GLY B 66 -4.71 -8.73 -26.32
C GLY B 66 -6.22 -8.68 -26.11
N PHE B 67 -6.70 -7.67 -25.39
CA PHE B 67 -8.13 -7.55 -25.13
C PHE B 67 -8.81 -6.70 -26.20
N LYS B 68 -10.12 -6.90 -26.36
CA LYS B 68 -10.91 -6.15 -27.33
C LYS B 68 -11.60 -5.00 -26.59
N PRO B 69 -11.11 -3.76 -26.79
CA PRO B 69 -11.70 -2.60 -26.12
C PRO B 69 -13.14 -2.33 -26.54
N LEU B 70 -14.03 -2.25 -25.55
CA LEU B 70 -15.44 -1.98 -25.82
C LEU B 70 -15.76 -0.53 -25.47
N GLY B 71 -15.01 0.01 -24.53
CA GLY B 71 -15.18 1.39 -24.09
C GLY B 71 -13.94 1.82 -23.35
N THR B 72 -13.87 3.10 -22.98
CA THR B 72 -12.70 3.63 -22.27
C THR B 72 -13.14 4.45 -21.06
N SER B 73 -12.19 4.80 -20.19
CA SER B 73 -12.53 5.62 -19.02
C SER B 73 -12.98 7.00 -19.48
N GLU B 74 -12.51 7.41 -20.65
CA GLU B 74 -12.89 8.70 -21.21
C GLU B 74 -14.40 8.70 -21.41
N GLY B 75 -14.90 7.66 -22.08
CA GLY B 75 -16.33 7.54 -22.32
C GLY B 75 -17.12 7.29 -21.05
N GLN B 76 -16.50 6.55 -20.11
CA GLN B 76 -17.15 6.25 -18.84
C GLN B 76 -17.44 7.58 -18.15
N GLY B 77 -16.47 8.49 -18.20
CA GLY B 77 -16.63 9.79 -17.60
C GLY B 77 -17.72 10.60 -18.25
N TYR B 78 -17.75 10.62 -19.59
CA TYR B 78 -18.79 11.36 -20.29
C TYR B 78 -20.16 10.82 -19.90
N GLY B 79 -20.29 9.50 -19.93
CA GLY B 79 -21.55 8.87 -19.60
C GLY B 79 -22.04 9.15 -18.18
N MET B 80 -21.11 9.17 -17.23
CA MET B 80 -21.49 9.42 -15.86
C MET B 80 -21.98 10.86 -15.63
N ILE B 81 -21.35 11.82 -16.27
CA ILE B 81 -21.80 13.21 -16.12
C ILE B 81 -23.16 13.36 -16.79
N ILE B 82 -23.28 12.85 -18.01
CA ILE B 82 -24.55 12.92 -18.74
C ILE B 82 -25.68 12.30 -17.93
N THR B 83 -25.44 11.13 -17.35
CA THR B 83 -26.46 10.42 -16.59
C THR B 83 -26.96 11.21 -15.38
N VAL B 84 -26.07 11.82 -14.62
CA VAL B 84 -26.52 12.56 -13.45
C VAL B 84 -27.33 13.79 -13.87
N LEU B 85 -26.90 14.46 -14.93
CA LEU B 85 -27.60 15.65 -15.38
C LEU B 85 -28.99 15.35 -15.94
N MET B 86 -29.16 14.16 -16.52
CA MET B 86 -30.47 13.80 -17.07
C MET B 86 -31.41 13.19 -16.04
N ALA B 87 -30.94 13.05 -14.80
CA ALA B 87 -31.78 12.51 -13.73
C ALA B 87 -32.98 13.44 -13.58
N GLY B 88 -34.15 12.87 -13.33
CA GLY B 88 -35.35 13.68 -13.23
C GLY B 88 -36.16 13.41 -14.48
N TYR B 89 -35.47 13.34 -15.62
CA TYR B 89 -36.12 13.03 -16.89
C TYR B 89 -36.07 11.52 -17.08
N ASP B 90 -34.89 10.94 -16.85
CA ASP B 90 -34.70 9.50 -16.98
C ASP B 90 -34.90 8.90 -15.59
N SER B 91 -36.00 8.17 -15.41
CA SER B 91 -36.33 7.56 -14.13
C SER B 91 -35.34 6.50 -13.67
N ASN B 92 -34.51 6.01 -14.59
CA ASN B 92 -33.53 4.98 -14.26
C ASN B 92 -32.13 5.55 -14.06
N ALA B 93 -32.01 6.88 -14.06
CA ALA B 93 -30.71 7.54 -13.92
C ALA B 93 -29.80 7.06 -12.79
N GLN B 94 -30.31 6.97 -11.56
CA GLN B 94 -29.44 6.54 -10.48
C GLN B 94 -28.97 5.10 -10.60
N LYS B 95 -29.84 4.21 -11.09
CA LYS B 95 -29.44 2.82 -11.25
C LYS B 95 -28.35 2.75 -12.31
N ILE B 96 -28.53 3.51 -13.39
CA ILE B 96 -27.53 3.53 -14.46
C ILE B 96 -26.23 4.11 -13.92
N TYR B 97 -26.33 5.22 -13.18
CA TYR B 97 -25.14 5.84 -12.64
C TYR B 97 -24.37 4.91 -11.71
N ASP B 98 -25.07 4.28 -10.79
CA ASP B 98 -24.40 3.36 -9.86
C ASP B 98 -23.77 2.20 -10.63
N GLY B 99 -24.39 1.83 -11.74
CA GLY B 99 -23.86 0.76 -12.57
C GLY B 99 -22.60 1.19 -13.28
N LEU B 100 -22.57 2.45 -13.72
CA LEU B 100 -21.39 2.99 -14.38
C LEU B 100 -20.26 3.08 -13.35
N PHE B 101 -20.61 3.45 -12.12
CA PHE B 101 -19.62 3.56 -11.05
C PHE B 101 -19.07 2.17 -10.71
N LYS B 102 -19.95 1.16 -10.76
CA LYS B 102 -19.54 -0.21 -10.47
C LYS B 102 -18.41 -0.61 -11.43
N THR B 103 -18.60 -0.31 -12.71
CA THR B 103 -17.61 -0.63 -13.72
C THR B 103 -16.32 0.16 -13.48
N ALA B 104 -16.46 1.44 -13.17
CA ALA B 104 -15.32 2.30 -12.92
C ALA B 104 -14.42 1.78 -11.82
N ARG B 105 -15.02 1.24 -10.76
CA ARG B 105 -14.26 0.73 -9.62
C ARG B 105 -13.80 -0.72 -9.80
N THR B 106 -14.56 -1.50 -10.55
CA THR B 106 -14.19 -2.89 -10.78
C THR B 106 -13.00 -2.92 -11.73
N PHE B 107 -13.06 -2.09 -12.76
CA PHE B 107 -11.98 -1.97 -13.73
C PHE B 107 -10.99 -0.91 -13.24
N LYS B 108 -10.61 -1.01 -11.97
CA LYS B 108 -9.67 -0.06 -11.38
C LYS B 108 -8.30 -0.14 -12.05
N SER B 109 -7.50 0.91 -11.89
CA SER B 109 -6.18 0.96 -12.49
C SER B 109 -5.19 -0.01 -11.85
N SER B 110 -4.31 -0.56 -12.67
CA SER B 110 -3.30 -1.50 -12.21
C SER B 110 -2.18 -0.75 -11.47
N GLN B 111 -2.19 0.57 -11.58
CA GLN B 111 -1.20 1.40 -10.90
C GLN B 111 -1.82 1.97 -9.63
N ASN B 112 -2.57 3.05 -9.75
CA ASN B 112 -3.25 3.65 -8.58
C ASN B 112 -4.66 3.06 -8.54
N PRO B 113 -4.92 2.15 -7.59
CA PRO B 113 -6.23 1.53 -7.47
C PRO B 113 -7.43 2.45 -7.21
N ASN B 114 -7.16 3.71 -6.88
CA ASN B 114 -8.22 4.67 -6.63
C ASN B 114 -8.71 5.28 -7.94
N LEU B 115 -8.06 4.89 -9.04
CA LEU B 115 -8.42 5.39 -10.37
C LEU B 115 -8.96 4.25 -11.23
N MET B 116 -9.38 4.57 -12.44
CA MET B 116 -9.91 3.57 -13.36
C MET B 116 -8.94 3.24 -14.50
N GLY B 117 -8.83 1.96 -14.81
CA GLY B 117 -7.97 1.55 -15.91
C GLY B 117 -8.64 2.12 -17.15
N TRP B 118 -7.87 2.56 -18.13
CA TRP B 118 -8.47 3.19 -19.30
C TRP B 118 -9.29 2.33 -20.26
N VAL B 119 -9.14 1.00 -20.20
CA VAL B 119 -9.88 0.12 -21.11
C VAL B 119 -10.95 -0.76 -20.47
N VAL B 120 -12.13 -0.77 -21.06
CA VAL B 120 -13.22 -1.63 -20.60
C VAL B 120 -13.28 -2.75 -21.62
N ALA B 121 -13.02 -3.97 -21.17
CA ALA B 121 -13.07 -5.15 -22.03
C ALA B 121 -13.86 -6.20 -21.27
N ASP B 122 -14.61 -7.04 -21.98
CA ASP B 122 -15.42 -8.03 -21.31
C ASP B 122 -14.65 -9.29 -20.91
N SER B 123 -13.86 -9.15 -19.84
CA SER B 123 -13.06 -10.26 -19.31
C SER B 123 -12.66 -9.93 -17.88
N LYS B 124 -12.75 -10.92 -17.00
CA LYS B 124 -12.36 -10.70 -15.61
C LYS B 124 -10.87 -10.39 -15.54
N LYS B 125 -10.11 -10.91 -16.49
CA LYS B 125 -8.67 -10.68 -16.54
C LYS B 125 -8.31 -9.23 -16.88
N ALA B 126 -9.26 -8.53 -17.50
CA ALA B 126 -9.04 -7.13 -17.87
C ALA B 126 -9.34 -6.21 -16.69
N GLN B 127 -10.07 -6.74 -15.71
CA GLN B 127 -10.43 -5.96 -14.53
C GLN B 127 -9.26 -5.76 -13.59
N GLY B 128 -8.69 -4.55 -13.63
CA GLY B 128 -7.55 -4.23 -12.79
C GLY B 128 -6.26 -4.45 -13.55
N HIS B 129 -6.35 -4.59 -14.87
CA HIS B 129 -5.19 -4.84 -15.71
C HIS B 129 -4.56 -3.60 -16.34
N PHE B 130 -5.37 -2.59 -16.63
CA PHE B 130 -4.88 -1.39 -17.31
C PHE B 130 -4.58 -0.19 -16.41
N ASP B 131 -3.66 0.66 -16.87
CA ASP B 131 -3.33 1.87 -16.13
C ASP B 131 -4.32 2.97 -16.53
N SER B 132 -4.23 4.13 -15.89
CA SER B 132 -5.18 5.21 -16.11
C SER B 132 -4.88 6.28 -17.16
N ALA B 133 -5.91 7.08 -17.42
CA ALA B 133 -5.86 8.21 -18.34
C ALA B 133 -6.50 9.34 -17.53
N THR B 134 -5.76 10.42 -17.34
CA THR B 134 -6.21 11.54 -16.54
C THR B 134 -7.59 12.11 -16.82
N ASP B 135 -7.93 12.33 -18.10
CA ASP B 135 -9.24 12.90 -18.39
C ASP B 135 -10.41 12.02 -17.98
N GLY B 136 -10.28 10.72 -18.16
CA GLY B 136 -11.36 9.83 -17.76
C GLY B 136 -11.64 9.97 -16.27
N ASP B 137 -10.59 9.92 -15.46
CA ASP B 137 -10.75 10.03 -14.02
C ASP B 137 -11.26 11.39 -13.56
N LEU B 138 -10.86 12.46 -14.26
CA LEU B 138 -11.33 13.80 -13.90
C LEU B 138 -12.86 13.86 -14.06
N ASP B 139 -13.38 13.36 -15.19
CA ASP B 139 -14.82 13.38 -15.40
C ASP B 139 -15.56 12.45 -14.43
N ILE B 140 -15.00 11.28 -14.17
CA ILE B 140 -15.64 10.34 -13.24
C ILE B 140 -15.71 10.93 -11.84
N ALA B 141 -14.58 11.45 -11.35
CA ALA B 141 -14.54 12.05 -10.02
C ALA B 141 -15.53 13.21 -9.91
N TYR B 142 -15.55 14.06 -10.93
CA TYR B 142 -16.45 15.19 -10.94
C TYR B 142 -17.90 14.74 -10.94
N SER B 143 -18.19 13.67 -11.67
CA SER B 143 -19.56 13.17 -11.74
C SER B 143 -20.05 12.74 -10.37
N LEU B 144 -19.13 12.28 -9.52
CA LEU B 144 -19.50 11.84 -8.17
C LEU B 144 -19.94 13.04 -7.34
N LEU B 145 -19.36 14.21 -7.62
CA LEU B 145 -19.75 15.41 -6.89
C LEU B 145 -21.16 15.78 -7.34
N LEU B 146 -21.44 15.61 -8.64
CA LEU B 146 -22.77 15.89 -9.17
C LEU B 146 -23.75 14.91 -8.55
N ALA B 147 -23.36 13.64 -8.46
CA ALA B 147 -24.22 12.60 -7.90
C ALA B 147 -24.58 12.95 -6.46
N HIS B 148 -23.59 13.46 -5.72
CA HIS B 148 -23.81 13.83 -4.32
C HIS B 148 -24.87 14.93 -4.19
N LYS B 149 -24.81 15.94 -5.05
CA LYS B 149 -25.77 17.03 -5.00
C LYS B 149 -27.12 16.66 -5.60
N GLN B 150 -27.13 15.60 -6.41
CA GLN B 150 -28.34 15.14 -7.06
C GLN B 150 -29.17 14.23 -6.15
N TRP B 151 -28.52 13.22 -5.58
CA TRP B 151 -29.21 12.24 -4.74
C TRP B 151 -28.76 12.17 -3.28
N GLY B 152 -27.69 12.87 -2.94
CA GLY B 152 -27.18 12.80 -1.57
C GLY B 152 -26.30 11.57 -1.45
N SER B 153 -25.52 11.48 -0.38
CA SER B 153 -24.61 10.35 -0.20
C SER B 153 -24.97 9.42 0.96
N ASN B 154 -26.26 9.37 1.31
CA ASN B 154 -26.71 8.53 2.41
C ASN B 154 -27.27 7.19 1.92
N GLY B 155 -27.22 6.98 0.60
CA GLY B 155 -27.73 5.74 0.04
C GLY B 155 -26.70 4.63 -0.06
N THR B 156 -26.90 3.74 -1.03
CA THR B 156 -25.99 2.63 -1.24
C THR B 156 -24.56 3.08 -1.49
N VAL B 157 -24.41 4.11 -2.34
CA VAL B 157 -23.09 4.63 -2.65
C VAL B 157 -22.88 5.98 -1.99
N ASN B 158 -21.77 6.12 -1.26
CA ASN B 158 -21.45 7.37 -0.59
C ASN B 158 -20.70 8.20 -1.62
N TYR B 159 -21.44 8.84 -2.51
CA TYR B 159 -20.85 9.65 -3.58
C TYR B 159 -19.78 10.64 -3.14
N LEU B 160 -20.07 11.45 -2.13
CA LEU B 160 -19.11 12.44 -1.66
C LEU B 160 -17.81 11.80 -1.17
N LYS B 161 -17.91 10.74 -0.38
CA LYS B 161 -16.71 10.07 0.11
C LYS B 161 -15.92 9.48 -1.06
N GLU B 162 -16.63 8.81 -1.96
CA GLU B 162 -15.98 8.21 -3.13
C GLU B 162 -15.29 9.29 -3.96
N ALA B 163 -15.94 10.43 -4.08
CA ALA B 163 -15.36 11.55 -4.84
C ALA B 163 -14.07 12.05 -4.18
N GLN B 164 -14.14 12.29 -2.88
CA GLN B 164 -12.97 12.78 -2.15
C GLN B 164 -11.79 11.83 -2.24
N ASP B 165 -12.04 10.53 -2.12
CA ASP B 165 -10.97 9.56 -2.20
C ASP B 165 -10.37 9.54 -3.60
N MET B 166 -11.23 9.59 -4.62
CA MET B 166 -10.75 9.57 -6.00
C MET B 166 -9.94 10.82 -6.33
N ILE B 167 -10.43 11.96 -5.88
CA ILE B 167 -9.78 13.24 -6.12
C ILE B 167 -8.42 13.34 -5.43
N THR B 168 -8.40 13.00 -4.14
CA THR B 168 -7.17 13.12 -3.36
C THR B 168 -6.22 11.94 -3.42
N LYS B 169 -6.72 10.73 -3.18
CA LYS B 169 -5.87 9.54 -3.21
C LYS B 169 -5.56 9.10 -4.63
N GLY B 170 -6.37 9.54 -5.58
CA GLY B 170 -6.16 9.15 -6.96
C GLY B 170 -5.54 10.19 -7.86
N ILE B 171 -6.33 11.18 -8.25
CA ILE B 171 -5.88 12.23 -9.16
C ILE B 171 -4.74 13.11 -8.62
N LYS B 172 -4.89 13.62 -7.41
CA LYS B 172 -3.82 14.45 -6.84
C LYS B 172 -2.53 13.65 -6.70
N ALA B 173 -2.64 12.48 -6.08
CA ALA B 173 -1.48 11.63 -5.86
C ALA B 173 -0.73 11.22 -7.13
N SER B 174 -1.46 10.78 -8.15
CA SER B 174 -0.83 10.32 -9.37
C SER B 174 -0.75 11.26 -10.56
N ASN B 175 -1.69 12.18 -10.68
CA ASN B 175 -1.71 13.07 -11.84
C ASN B 175 -1.30 14.51 -11.67
N VAL B 176 -1.35 15.04 -10.45
CA VAL B 176 -0.92 16.42 -10.23
C VAL B 176 0.60 16.36 -10.11
N THR B 177 1.29 17.05 -11.01
CA THR B 177 2.76 17.03 -11.01
C THR B 177 3.39 18.01 -10.03
N ASN B 178 4.69 17.80 -9.78
CA ASN B 178 5.42 18.66 -8.86
C ASN B 178 5.47 20.08 -9.41
N ASN B 179 5.24 20.22 -10.72
CA ASN B 179 5.26 21.52 -11.37
C ASN B 179 3.85 22.09 -11.51
N ASN B 180 2.92 21.49 -10.77
CA ASN B 180 1.52 21.92 -10.75
C ASN B 180 0.79 21.89 -12.08
N GLN B 181 1.04 20.84 -12.84
CA GLN B 181 0.37 20.60 -14.12
C GLN B 181 -0.33 19.26 -13.93
N LEU B 182 -0.87 18.72 -15.01
CA LEU B 182 -1.54 17.43 -14.95
C LEU B 182 -0.85 16.52 -15.96
N ASN B 183 -0.38 15.36 -15.52
CA ASN B 183 0.30 14.46 -16.43
C ASN B 183 -0.72 13.65 -17.23
N LEU B 184 -0.25 12.70 -18.04
CA LEU B 184 -1.14 11.93 -18.90
C LEU B 184 -1.90 10.76 -18.28
N GLY B 185 -1.42 10.26 -17.16
CA GLY B 185 -2.07 9.14 -16.51
C GLY B 185 -1.24 8.71 -15.32
N ASP B 186 -1.73 7.76 -14.52
CA ASP B 186 -0.97 7.34 -13.35
C ASP B 186 0.29 6.54 -13.68
N TRP B 187 0.52 6.28 -14.96
CA TRP B 187 1.72 5.57 -15.38
C TRP B 187 2.82 6.59 -15.64
N ASP B 188 2.42 7.85 -15.80
CA ASP B 188 3.34 8.94 -16.07
C ASP B 188 4.04 9.42 -14.80
N SER B 189 5.14 10.14 -14.98
CA SER B 189 5.95 10.66 -13.89
C SER B 189 5.31 11.78 -13.08
N LYS B 190 5.68 11.86 -11.81
CA LYS B 190 5.18 12.89 -10.91
C LYS B 190 5.80 14.23 -11.29
N SER B 191 6.90 14.18 -12.03
CA SER B 191 7.58 15.39 -12.47
C SER B 191 7.44 15.57 -13.98
N SER B 192 6.55 14.80 -14.59
CA SER B 192 6.33 14.86 -16.03
C SER B 192 5.95 16.26 -16.52
N LEU B 193 6.47 16.61 -17.69
CA LEU B 193 6.14 17.88 -18.31
C LEU B 193 5.31 17.63 -19.56
N ASP B 194 4.82 16.40 -19.70
CA ASP B 194 3.95 16.07 -20.83
C ASP B 194 2.53 16.28 -20.32
N THR B 195 1.72 16.99 -21.09
CA THR B 195 0.35 17.26 -20.66
C THR B 195 -0.59 17.34 -21.86
N ARG B 196 -1.87 17.08 -21.61
CA ARG B 196 -2.90 17.10 -22.64
C ARG B 196 -3.87 18.19 -22.22
N PRO B 197 -3.85 19.35 -22.92
CA PRO B 197 -4.74 20.47 -22.60
C PRO B 197 -6.22 20.17 -22.43
N SER B 198 -6.74 19.16 -23.12
CA SER B 198 -8.15 18.83 -22.95
C SER B 198 -8.41 18.24 -21.56
N ASP B 199 -7.34 18.02 -20.81
CA ASP B 199 -7.42 17.53 -19.43
C ASP B 199 -7.53 18.71 -18.46
N TRP B 200 -7.27 19.92 -18.96
CA TRP B 200 -7.32 21.11 -18.09
C TRP B 200 -8.76 21.55 -17.87
N MET B 201 -9.50 20.72 -17.14
CA MET B 201 -10.91 20.98 -16.87
C MET B 201 -11.03 21.93 -15.70
N MET B 202 -10.77 23.20 -15.97
CA MET B 202 -10.78 24.26 -14.96
C MET B 202 -11.96 24.25 -14.01
N SER B 203 -13.18 24.16 -14.53
CA SER B 203 -14.36 24.17 -13.67
C SER B 203 -14.47 22.93 -12.78
N HIS B 204 -13.92 21.80 -13.23
CA HIS B 204 -13.93 20.58 -12.42
C HIS B 204 -13.02 20.84 -11.23
N LEU B 205 -11.84 21.37 -11.53
CA LEU B 205 -10.85 21.67 -10.49
C LEU B 205 -11.40 22.64 -9.45
N ARG B 206 -12.25 23.57 -9.89
CA ARG B 206 -12.86 24.53 -8.96
C ARG B 206 -13.68 23.75 -7.94
N ALA B 207 -14.45 22.78 -8.43
CA ALA B 207 -15.28 21.96 -7.57
C ALA B 207 -14.42 21.09 -6.66
N PHE B 208 -13.31 20.60 -7.19
CA PHE B 208 -12.42 19.76 -6.39
C PHE B 208 -11.96 20.55 -5.18
N TYR B 209 -11.64 21.82 -5.39
CA TYR B 209 -11.20 22.67 -4.28
C TYR B 209 -12.32 22.88 -3.26
N GLU B 210 -13.49 23.27 -3.74
CA GLU B 210 -14.62 23.52 -2.85
C GLU B 210 -15.05 22.32 -2.02
N PHE B 211 -14.96 21.13 -2.58
CA PHE B 211 -15.35 19.92 -1.86
C PHE B 211 -14.25 19.23 -1.06
N THR B 212 -13.01 19.71 -1.18
CA THR B 212 -11.92 19.11 -0.43
C THR B 212 -11.22 20.12 0.47
N GLY B 213 -11.28 21.40 0.07
CA GLY B 213 -10.62 22.44 0.84
C GLY B 213 -9.14 22.44 0.54
N ASP B 214 -8.72 21.57 -0.36
CA ASP B 214 -7.31 21.44 -0.75
C ASP B 214 -6.92 22.52 -1.77
N LYS B 215 -6.12 23.49 -1.33
CA LYS B 215 -5.69 24.59 -2.17
C LYS B 215 -4.84 24.14 -3.36
N THR B 216 -4.38 22.90 -3.35
CA THR B 216 -3.57 22.37 -4.44
C THR B 216 -4.30 22.59 -5.77
N TRP B 217 -5.61 22.41 -5.76
CA TRP B 217 -6.39 22.55 -6.98
C TRP B 217 -6.41 23.98 -7.52
N LEU B 218 -6.37 24.96 -6.62
CA LEU B 218 -6.36 26.35 -7.06
C LEU B 218 -4.99 26.67 -7.64
N THR B 219 -3.95 26.09 -7.05
CA THR B 219 -2.59 26.30 -7.53
C THR B 219 -2.47 25.74 -8.95
N VAL B 220 -3.07 24.57 -9.17
CA VAL B 220 -3.04 23.94 -10.48
C VAL B 220 -3.80 24.81 -11.49
N ILE B 221 -5.01 25.24 -11.12
CA ILE B 221 -5.82 26.07 -12.01
C ILE B 221 -5.03 27.31 -12.44
N ASN B 222 -4.49 28.05 -11.47
CA ASN B 222 -3.74 29.26 -11.77
C ASN B 222 -2.52 28.99 -12.64
N ASN B 223 -1.82 27.90 -12.37
CA ASN B 223 -0.64 27.58 -13.17
C ASN B 223 -1.03 27.22 -14.60
N LEU B 224 -2.10 26.43 -14.76
CA LEU B 224 -2.53 26.04 -16.09
C LEU B 224 -2.95 27.23 -16.94
N TYR B 225 -3.50 28.27 -16.31
CA TYR B 225 -3.86 29.45 -17.07
C TYR B 225 -2.58 30.16 -17.51
N ASP B 226 -1.57 30.18 -16.62
CA ASP B 226 -0.29 30.79 -16.98
C ASP B 226 0.31 30.04 -18.15
N VAL B 227 0.25 28.71 -18.10
CA VAL B 227 0.80 27.88 -19.16
C VAL B 227 0.06 28.08 -20.47
N TYR B 228 -1.27 28.15 -20.42
CA TYR B 228 -2.05 28.34 -21.63
C TYR B 228 -1.64 29.64 -22.33
N THR B 229 -1.59 30.71 -21.56
CA THR B 229 -1.24 32.02 -22.09
C THR B 229 0.20 32.09 -22.61
N GLN B 230 1.14 31.49 -21.88
CA GLN B 230 2.53 31.50 -22.32
C GLN B 230 2.64 30.74 -23.63
N PHE B 231 1.90 29.64 -23.74
CA PHE B 231 1.91 28.82 -24.95
C PHE B 231 1.31 29.59 -26.13
N SER B 232 0.08 30.07 -25.94
CA SER B 232 -0.63 30.77 -27.00
C SER B 232 0.02 32.06 -27.48
N ASN B 233 0.53 32.88 -26.57
CA ASN B 233 1.15 34.13 -26.99
C ASN B 233 2.32 33.88 -27.94
N LYS B 234 2.95 32.72 -27.81
CA LYS B 234 4.08 32.40 -28.69
C LYS B 234 3.71 31.55 -29.89
N TYR B 235 2.89 30.52 -29.67
CA TYR B 235 2.54 29.60 -30.75
C TYR B 235 1.19 29.77 -31.44
N SER B 236 0.30 30.58 -30.88
CA SER B 236 -1.00 30.80 -31.50
C SER B 236 -1.51 32.20 -31.15
N PRO B 237 -0.67 33.22 -31.35
CA PRO B 237 -1.06 34.60 -31.05
C PRO B 237 -2.31 35.14 -31.73
N ASN B 238 -2.71 34.57 -32.86
CA ASN B 238 -3.89 35.07 -33.54
C ASN B 238 -5.09 34.12 -33.57
N THR B 239 -4.88 32.88 -33.18
CA THR B 239 -5.99 31.92 -33.16
C THR B 239 -6.40 31.59 -31.73
N GLY B 240 -5.43 31.64 -30.82
CA GLY B 240 -5.70 31.34 -29.41
C GLY B 240 -5.82 29.85 -29.13
N LEU B 241 -5.49 29.03 -30.12
CA LEU B 241 -5.58 27.57 -29.99
C LEU B 241 -4.41 26.96 -29.23
N ILE B 242 -4.55 25.69 -28.88
CA ILE B 242 -3.49 24.98 -28.19
C ILE B 242 -3.40 23.59 -28.84
N SER B 243 -2.24 22.94 -28.73
CA SER B 243 -2.04 21.63 -29.36
C SER B 243 -2.60 20.46 -28.55
N ASP B 244 -2.81 19.34 -29.24
CA ASP B 244 -3.33 18.13 -28.61
C ASP B 244 -2.54 17.77 -27.36
N PHE B 245 -1.22 17.88 -27.46
CA PHE B 245 -0.33 17.61 -26.34
C PHE B 245 0.67 18.75 -26.26
N VAL B 246 1.09 19.07 -25.04
CA VAL B 246 2.04 20.15 -24.78
C VAL B 246 3.19 19.57 -23.99
N VAL B 247 4.41 20.03 -24.28
CA VAL B 247 5.58 19.54 -23.58
C VAL B 247 6.49 20.65 -23.11
N LYS B 248 7.34 20.32 -22.13
CA LYS B 248 8.34 21.23 -21.59
C LYS B 248 7.83 22.48 -20.85
N ASN B 249 8.78 23.26 -20.35
CA ASN B 249 8.50 24.50 -19.66
C ASN B 249 9.67 25.44 -19.89
N PRO B 250 9.44 26.59 -20.55
CA PRO B 250 8.15 27.04 -21.09
C PRO B 250 7.48 26.00 -21.98
N PRO B 251 6.13 26.02 -22.03
CA PRO B 251 5.36 25.09 -22.85
C PRO B 251 5.54 25.26 -24.35
N GLN B 252 5.63 24.13 -25.05
CA GLN B 252 5.79 24.13 -26.51
C GLN B 252 4.89 23.05 -27.08
N PRO B 253 4.58 23.13 -28.38
CA PRO B 253 3.72 22.09 -28.96
C PRO B 253 4.47 20.76 -28.91
N ALA B 254 3.72 19.68 -28.71
CA ALA B 254 4.34 18.36 -28.67
C ALA B 254 4.82 18.06 -30.09
N PRO B 255 5.75 17.10 -30.24
CA PRO B 255 6.22 16.79 -31.59
C PRO B 255 5.11 16.05 -32.32
N LYS B 256 5.25 15.89 -33.63
CA LYS B 256 4.27 15.15 -34.40
C LYS B 256 4.43 13.69 -33.99
N ASP B 257 3.36 12.91 -34.12
CA ASP B 257 3.39 11.50 -33.77
C ASP B 257 3.72 11.27 -32.29
N PHE B 258 3.27 12.17 -31.44
CA PHE B 258 3.52 12.04 -30.00
C PHE B 258 2.80 10.81 -29.49
N LEU B 259 3.55 9.88 -28.92
CA LEU B 259 3.00 8.62 -28.40
C LEU B 259 2.16 7.99 -29.52
N ASP B 260 2.51 8.34 -30.75
CA ASP B 260 1.84 7.87 -31.96
C ASP B 260 0.32 7.98 -31.93
N GLU B 261 -0.17 9.05 -31.31
CA GLU B 261 -1.61 9.29 -31.24
C GLU B 261 -2.09 9.69 -32.63
N SER B 262 -1.28 10.50 -33.30
CA SER B 262 -1.57 10.96 -34.66
C SER B 262 -0.40 11.82 -35.11
N GLU B 263 -0.35 12.14 -36.40
CA GLU B 263 0.73 12.95 -36.92
C GLU B 263 0.48 14.44 -36.65
N TYR B 264 -0.67 14.73 -36.05
CA TYR B 264 -1.04 16.12 -35.78
C TYR B 264 -1.10 16.48 -34.29
N THR B 265 -0.35 15.74 -33.48
CA THR B 265 -0.29 15.97 -32.04
C THR B 265 0.33 17.33 -31.71
N ASN B 266 0.97 17.94 -32.70
CA ASN B 266 1.59 19.25 -32.54
C ASN B 266 0.62 20.38 -32.85
N ALA B 267 -0.59 20.02 -33.28
CA ALA B 267 -1.58 21.01 -33.66
C ALA B 267 -2.91 20.85 -32.93
N TYR B 268 -3.89 21.65 -33.35
CA TYR B 268 -5.22 21.62 -32.75
C TYR B 268 -6.00 20.51 -33.44
N TYR B 269 -5.91 19.30 -32.89
CA TYR B 269 -6.56 18.15 -33.48
C TYR B 269 -7.68 17.56 -32.63
N TYR B 270 -7.94 16.27 -32.80
CA TYR B 270 -9.04 15.63 -32.07
C TYR B 270 -8.99 15.68 -30.55
N ASN B 271 -7.81 15.70 -29.96
CA ASN B 271 -7.75 15.79 -28.50
C ASN B 271 -8.09 17.21 -28.05
N ALA B 272 -7.41 18.19 -28.65
CA ALA B 272 -7.60 19.60 -28.30
C ALA B 272 -8.96 20.18 -28.65
N SER B 273 -9.67 19.55 -29.57
CA SER B 273 -10.99 20.02 -30.01
C SER B 273 -11.92 20.26 -28.81
N ARG B 274 -11.68 19.52 -27.73
CA ARG B 274 -12.50 19.61 -26.53
C ARG B 274 -12.17 20.78 -25.60
N VAL B 275 -10.97 21.32 -25.75
CA VAL B 275 -10.51 22.41 -24.91
C VAL B 275 -11.41 23.64 -24.76
N PRO B 276 -11.95 24.18 -25.86
CA PRO B 276 -12.80 25.37 -25.70
C PRO B 276 -13.95 25.23 -24.70
N LEU B 277 -14.56 24.05 -24.63
CA LEU B 277 -15.66 23.85 -23.68
C LEU B 277 -15.11 23.81 -22.26
N ARG B 278 -14.06 23.03 -22.06
CA ARG B 278 -13.46 22.90 -20.73
C ARG B 278 -13.06 24.24 -20.15
N ILE B 279 -12.53 25.12 -21.00
CA ILE B 279 -12.11 26.45 -20.54
C ILE B 279 -13.26 27.41 -20.29
N VAL B 280 -14.16 27.55 -21.26
CA VAL B 280 -15.25 28.50 -21.11
C VAL B 280 -16.16 28.23 -19.93
N MET B 281 -16.28 26.97 -19.52
CA MET B 281 -17.13 26.62 -18.40
C MET B 281 -16.65 27.29 -17.11
N ASP B 282 -15.35 27.61 -17.03
CA ASP B 282 -14.82 28.25 -15.83
C ASP B 282 -15.35 29.68 -15.72
N TYR B 283 -15.44 30.39 -16.84
CA TYR B 283 -15.98 31.75 -16.78
C TYR B 283 -17.47 31.71 -16.46
N ALA B 284 -18.20 30.85 -17.15
CA ALA B 284 -19.63 30.73 -16.94
C ALA B 284 -20.02 30.35 -15.52
N MET B 285 -19.35 29.33 -14.97
CA MET B 285 -19.67 28.83 -13.65
C MET B 285 -19.01 29.54 -12.48
N TYR B 286 -17.78 30.04 -12.67
CA TYR B 286 -17.06 30.70 -11.59
C TYR B 286 -16.62 32.14 -11.86
N GLY B 287 -16.95 32.66 -13.03
CA GLY B 287 -16.59 34.04 -13.36
C GLY B 287 -15.13 34.35 -13.62
N GLU B 288 -14.32 33.31 -13.88
CA GLU B 288 -12.89 33.51 -14.14
C GLU B 288 -12.68 34.30 -15.43
N LYS B 289 -12.16 35.53 -15.29
CA LYS B 289 -11.92 36.39 -16.44
C LYS B 289 -10.89 35.87 -17.44
N ARG B 290 -9.92 35.11 -16.96
CA ARG B 290 -8.90 34.56 -17.86
C ARG B 290 -9.53 33.59 -18.84
N SER B 291 -10.64 32.98 -18.43
CA SER B 291 -11.36 32.03 -19.27
C SER B 291 -12.08 32.78 -20.39
N LYS B 292 -12.69 33.92 -20.07
CA LYS B 292 -13.38 34.71 -21.08
C LYS B 292 -12.39 35.22 -22.13
N VAL B 293 -11.21 35.64 -21.68
CA VAL B 293 -10.20 36.14 -22.60
C VAL B 293 -9.79 35.06 -23.59
N ILE B 294 -9.50 33.86 -23.08
CA ILE B 294 -9.10 32.74 -23.92
C ILE B 294 -10.23 32.34 -24.86
N SER B 295 -11.44 32.28 -24.32
CA SER B 295 -12.61 31.90 -25.10
C SER B 295 -12.95 32.88 -26.22
N ASP B 296 -12.92 34.18 -25.91
CA ASP B 296 -13.22 35.18 -26.93
C ASP B 296 -12.21 35.16 -28.08
N LYS B 297 -10.95 34.92 -27.77
CA LYS B 297 -9.92 34.89 -28.80
C LYS B 297 -10.18 33.76 -29.80
N VAL B 298 -10.44 32.56 -29.28
CA VAL B 298 -10.72 31.42 -30.13
C VAL B 298 -12.02 31.64 -30.91
N SER B 299 -13.04 32.13 -30.20
CA SER B 299 -14.34 32.37 -30.82
C SER B 299 -14.24 33.36 -31.98
N SER B 300 -13.60 34.49 -31.75
CA SER B 300 -13.46 35.49 -32.80
C SER B 300 -12.66 34.96 -33.98
N TRP B 301 -11.65 34.15 -33.71
CA TRP B 301 -10.86 33.60 -34.80
C TRP B 301 -11.66 32.63 -35.68
N ILE B 302 -12.33 31.66 -35.06
CA ILE B 302 -13.08 30.69 -35.84
C ILE B 302 -14.23 31.32 -36.62
N GLN B 303 -14.82 32.37 -36.05
CA GLN B 303 -15.92 33.05 -36.74
C GLN B 303 -15.42 33.72 -38.01
N ASN B 304 -14.25 34.37 -37.94
CA ASN B 304 -13.69 35.05 -39.11
C ASN B 304 -13.21 33.99 -40.11
N LYS B 305 -12.63 32.91 -39.59
CA LYS B 305 -12.12 31.82 -40.41
C LYS B 305 -13.21 31.16 -41.27
N THR B 306 -14.42 31.07 -40.71
CA THR B 306 -15.54 30.44 -41.40
C THR B 306 -16.57 31.41 -41.95
N ASN B 307 -16.28 32.70 -41.86
CA ASN B 307 -17.19 33.75 -42.34
C ASN B 307 -18.54 33.55 -41.65
N GLY B 308 -18.51 33.19 -40.38
CA GLY B 308 -19.73 33.00 -39.60
C GLY B 308 -20.60 31.80 -39.94
N ASN B 309 -20.03 30.82 -40.65
CA ASN B 309 -20.77 29.64 -41.04
C ASN B 309 -20.25 28.39 -40.33
N PRO B 310 -20.96 27.90 -39.30
CA PRO B 310 -20.50 26.71 -38.57
C PRO B 310 -20.20 25.49 -39.44
N SER B 311 -20.93 25.32 -40.54
CA SER B 311 -20.72 24.15 -41.41
C SER B 311 -19.37 24.19 -42.13
N LYS B 312 -18.67 25.31 -42.04
CA LYS B 312 -17.37 25.45 -42.69
C LYS B 312 -16.22 25.11 -41.74
N ILE B 313 -16.55 24.79 -40.50
CA ILE B 313 -15.54 24.40 -39.52
C ILE B 313 -15.02 23.03 -39.95
N VAL B 314 -13.71 22.81 -39.85
CA VAL B 314 -13.16 21.52 -40.23
C VAL B 314 -12.57 20.80 -39.02
N ASP B 315 -12.31 19.51 -39.18
CA ASP B 315 -11.77 18.68 -38.10
C ASP B 315 -10.26 18.73 -37.92
N GLY B 316 -9.77 19.89 -37.50
CA GLY B 316 -8.34 20.04 -37.26
C GLY B 316 -7.72 21.27 -37.89
N TYR B 317 -6.86 21.95 -37.12
CA TYR B 317 -6.19 23.16 -37.59
C TYR B 317 -4.76 23.25 -37.09
N GLN B 318 -3.89 23.86 -37.90
CA GLN B 318 -2.53 24.10 -37.47
C GLN B 318 -2.72 25.24 -36.48
N LEU B 319 -1.75 25.47 -35.61
CA LEU B 319 -1.88 26.53 -34.62
C LEU B 319 -2.01 27.93 -35.23
N ASN B 320 -1.55 28.10 -36.48
CA ASN B 320 -1.65 29.39 -37.14
C ASN B 320 -2.98 29.57 -37.87
N GLY B 321 -3.83 28.55 -37.81
CA GLY B 321 -5.14 28.65 -38.46
C GLY B 321 -5.32 27.87 -39.75
N SER B 322 -4.24 27.35 -40.32
CA SER B 322 -4.34 26.59 -41.57
C SER B 322 -5.10 25.29 -41.34
N ASN B 323 -5.94 24.92 -42.31
CA ASN B 323 -6.72 23.70 -42.21
C ASN B 323 -5.90 22.42 -42.18
N ILE B 324 -6.38 21.46 -41.41
CA ILE B 324 -5.79 20.13 -41.35
C ILE B 324 -6.96 19.23 -41.75
N GLY B 325 -8.10 19.44 -41.09
CA GLY B 325 -9.29 18.66 -41.37
C GLY B 325 -10.00 19.09 -42.64
N SER B 326 -11.12 18.44 -42.94
CA SER B 326 -11.89 18.74 -44.14
C SER B 326 -13.40 18.83 -43.95
N TYR B 327 -13.91 18.40 -42.81
CA TYR B 327 -15.36 18.44 -42.62
C TYR B 327 -15.78 18.80 -41.21
N PRO B 328 -17.05 19.18 -41.03
CA PRO B 328 -17.57 19.56 -39.71
C PRO B 328 -18.08 18.39 -38.88
N THR B 329 -17.47 18.18 -37.73
CA THR B 329 -17.88 17.13 -36.83
C THR B 329 -18.11 17.80 -35.47
N ALA B 330 -19.10 17.33 -34.73
CA ALA B 330 -19.48 17.95 -33.46
C ALA B 330 -18.41 18.15 -32.38
N VAL B 331 -17.46 17.24 -32.27
CA VAL B 331 -16.45 17.43 -31.23
C VAL B 331 -15.62 18.69 -31.49
N PHE B 332 -15.60 19.16 -32.73
CA PHE B 332 -14.90 20.40 -33.07
C PHE B 332 -15.88 21.57 -33.08
N VAL B 333 -16.99 21.41 -33.81
CA VAL B 333 -17.97 22.47 -33.93
C VAL B 333 -18.59 22.95 -32.62
N SER B 334 -19.18 22.02 -31.87
CA SER B 334 -19.85 22.40 -30.64
C SER B 334 -19.01 23.17 -29.63
N PRO B 335 -17.76 22.74 -29.38
CA PRO B 335 -16.96 23.50 -28.41
C PRO B 335 -16.66 24.93 -28.90
N PHE B 336 -16.55 25.09 -30.22
CA PHE B 336 -16.30 26.43 -30.78
C PHE B 336 -17.52 27.31 -30.51
N ILE B 337 -18.71 26.70 -30.53
CA ILE B 337 -19.93 27.46 -30.27
C ILE B 337 -19.96 27.80 -28.78
N ALA B 338 -19.62 26.83 -27.94
CA ALA B 338 -19.63 27.06 -26.50
C ALA B 338 -18.65 28.17 -26.10
N ALA B 339 -17.51 28.23 -26.76
CA ALA B 339 -16.51 29.24 -26.46
C ALA B 339 -17.00 30.65 -26.79
N SER B 340 -18.09 30.73 -27.56
CA SER B 340 -18.64 32.01 -28.00
C SER B 340 -19.76 32.59 -27.13
N ILE B 341 -20.14 31.87 -26.08
CA ILE B 341 -21.25 32.31 -25.23
C ILE B 341 -20.99 33.43 -24.22
N THR B 342 -19.76 33.93 -24.13
CA THR B 342 -19.48 34.99 -23.15
C THR B 342 -19.62 36.41 -23.69
N SER B 343 -19.91 36.54 -24.98
CA SER B 343 -20.08 37.86 -25.59
C SER B 343 -21.43 37.91 -26.30
N SER B 344 -22.29 38.83 -25.87
CA SER B 344 -23.62 38.98 -26.45
C SER B 344 -23.62 39.25 -27.95
N ASN B 345 -22.53 39.82 -28.45
CA ASN B 345 -22.44 40.10 -29.88
C ASN B 345 -22.28 38.84 -30.73
N ASN B 346 -22.16 37.69 -30.08
CA ASN B 346 -22.02 36.42 -30.79
C ASN B 346 -23.36 35.69 -30.90
N GLN B 347 -24.44 36.37 -30.57
CA GLN B 347 -25.76 35.75 -30.61
C GLN B 347 -26.13 35.02 -31.90
N LYS B 348 -25.92 35.67 -33.05
CA LYS B 348 -26.26 35.04 -34.32
C LYS B 348 -25.45 33.77 -34.55
N TRP B 349 -24.16 33.83 -34.24
CA TRP B 349 -23.26 32.68 -34.41
C TRP B 349 -23.68 31.54 -33.48
N VAL B 350 -24.03 31.88 -32.23
CA VAL B 350 -24.47 30.87 -31.27
C VAL B 350 -25.76 30.21 -31.75
N ASN B 351 -26.67 31.01 -32.30
CA ASN B 351 -27.93 30.46 -32.81
C ASN B 351 -27.68 29.53 -33.99
N SER B 352 -26.80 29.92 -34.91
CA SER B 352 -26.49 29.09 -36.08
C SER B 352 -25.80 27.82 -35.60
N GLY B 353 -24.92 27.95 -34.60
CA GLY B 353 -24.22 26.80 -34.08
C GLY B 353 -25.20 25.80 -33.48
N TRP B 354 -26.19 26.32 -32.77
CA TRP B 354 -27.21 25.48 -32.15
C TRP B 354 -27.96 24.70 -33.21
N ASP B 355 -28.38 25.39 -34.27
CA ASP B 355 -29.10 24.72 -35.33
C ASP B 355 -28.28 23.59 -35.94
N TRP B 356 -26.96 23.81 -36.05
CA TRP B 356 -26.08 22.81 -36.62
C TRP B 356 -25.90 21.57 -35.74
N MET B 357 -25.75 21.79 -34.44
CA MET B 357 -25.50 20.69 -33.50
C MET B 357 -26.68 19.96 -32.90
N LYS B 358 -27.80 20.65 -32.70
CA LYS B 358 -28.97 20.07 -32.03
C LYS B 358 -29.41 18.66 -32.42
N ASN B 359 -29.31 18.32 -33.71
CA ASN B 359 -29.71 16.98 -34.16
C ASN B 359 -28.57 16.27 -34.88
N LYS B 360 -27.33 16.73 -34.68
CA LYS B 360 -26.19 16.13 -35.36
C LYS B 360 -25.72 14.82 -34.72
N ARG B 361 -25.90 13.72 -35.44
CA ARG B 361 -25.49 12.40 -34.98
C ARG B 361 -24.48 11.81 -35.95
N GLU B 362 -23.40 11.24 -35.40
CA GLU B 362 -22.36 10.67 -36.23
C GLU B 362 -21.70 9.43 -35.61
N ARG B 363 -21.10 9.59 -34.43
CA ARG B 363 -20.44 8.49 -33.76
C ARG B 363 -20.22 8.76 -32.28
N TYR B 364 -19.63 7.81 -31.57
CA TYR B 364 -19.38 7.92 -30.15
C TYR B 364 -18.72 9.23 -29.68
N PHE B 365 -17.56 9.53 -30.24
CA PHE B 365 -16.79 10.69 -29.81
C PHE B 365 -17.51 12.03 -30.00
N SER B 366 -17.95 12.31 -31.21
CA SER B 366 -18.64 13.57 -31.43
C SER B 366 -20.01 13.64 -30.77
N ASP B 367 -20.76 12.55 -30.78
CA ASP B 367 -22.09 12.54 -30.17
C ASP B 367 -22.01 12.76 -28.66
N SER B 368 -21.08 12.08 -28.01
CA SER B 368 -20.93 12.21 -26.56
C SER B 368 -20.52 13.62 -26.15
N TYR B 369 -19.50 14.17 -26.82
CA TYR B 369 -19.07 15.51 -26.45
C TYR B 369 -20.11 16.54 -26.87
N ASN B 370 -20.86 16.25 -27.93
CA ASN B 370 -21.90 17.16 -28.39
C ASN B 370 -22.99 17.25 -27.31
N LEU B 371 -23.38 16.11 -26.75
CA LEU B 371 -24.40 16.11 -25.71
C LEU B 371 -23.93 16.90 -24.49
N LEU B 372 -22.67 16.70 -24.10
CA LEU B 372 -22.12 17.44 -22.97
C LEU B 372 -22.17 18.94 -23.26
N THR B 373 -21.80 19.31 -24.49
CA THR B 373 -21.80 20.72 -24.87
C THR B 373 -23.23 21.28 -24.89
N MET B 374 -24.17 20.51 -25.42
CA MET B 374 -25.57 20.94 -25.49
C MET B 374 -26.13 21.12 -24.09
N LEU B 375 -25.77 20.21 -23.19
CA LEU B 375 -26.23 20.31 -21.82
C LEU B 375 -25.71 21.60 -21.21
N PHE B 376 -24.47 21.95 -21.50
CA PHE B 376 -23.95 23.17 -20.92
C PHE B 376 -24.49 24.46 -21.52
N ILE B 377 -24.54 24.55 -22.85
CA ILE B 377 -25.01 25.79 -23.47
C ILE B 377 -26.51 26.07 -23.33
N THR B 378 -27.27 25.08 -22.86
CA THR B 378 -28.71 25.27 -22.65
C THR B 378 -28.96 25.54 -21.18
N GLY B 379 -27.89 25.60 -20.39
CA GLY B 379 -28.00 25.87 -18.97
C GLY B 379 -28.39 24.67 -18.14
N ASN B 380 -28.32 23.47 -18.73
CA ASN B 380 -28.71 22.29 -18.00
C ASN B 380 -27.58 21.54 -17.30
N TRP B 381 -26.39 22.11 -17.34
CA TRP B 381 -25.26 21.54 -16.62
C TRP B 381 -25.07 22.53 -15.48
N TRP B 382 -25.65 22.20 -14.33
CA TRP B 382 -25.58 23.04 -13.14
C TRP B 382 -24.28 22.88 -12.37
N LYS B 383 -24.06 23.79 -11.43
CA LYS B 383 -22.86 23.81 -10.63
C LYS B 383 -23.00 23.14 -9.27
N PRO B 384 -22.18 22.12 -9.01
CA PRO B 384 -22.25 21.42 -7.72
C PRO B 384 -21.50 22.25 -6.67
N VAL B 385 -22.16 22.54 -5.56
CA VAL B 385 -21.54 23.32 -4.50
C VAL B 385 -21.73 22.62 -3.14
N PRO B 386 -20.73 22.72 -2.26
CA PRO B 386 -20.76 22.10 -0.93
C PRO B 386 -22.02 22.45 -0.13
#